data_5KAK
#
_entry.id   5KAK
#
_cell.length_a   70.630
_cell.length_b   70.830
_cell.length_c   109.020
_cell.angle_alpha   90.00
_cell.angle_beta   98.62
_cell.angle_gamma   90.00
#
_symmetry.space_group_name_H-M   'P 1 21 1'
#
loop_
_entity.id
_entity.type
_entity.pdbx_description
1 polymer 'Uncharacterized protein'
2 non-polymer 1,2-ETHANEDIOL
3 water water
#
_entity_poly.entity_id   1
_entity_poly.type   'polypeptide(L)'
_entity_poly.pdbx_seq_one_letter_code
;MAHHHHHHMIVEERIYDLRPNGAREFAQHFEREGIAIQRPVLGRLIGYFYTDIGPLNQVVHLWGYEDLEDRARRRAILLA
MPEWQEYVRKNIQPLLVRMQNKILLPMSFSPPLPPLWQPEDEHARR
;
_entity_poly.pdbx_strand_id   A,B,C,D,E,F,G,H
#
# COMPACT_ATOMS: atom_id res chain seq x y z
N HIS A 6 -3.91 33.68 -3.41
CA HIS A 6 -2.59 33.28 -3.88
C HIS A 6 -2.45 33.38 -5.40
N HIS A 7 -3.52 33.85 -6.05
CA HIS A 7 -3.56 34.07 -7.49
C HIS A 7 -3.17 32.82 -8.27
N HIS A 8 -3.94 31.75 -8.04
CA HIS A 8 -3.85 30.49 -8.77
C HIS A 8 -2.47 29.84 -8.68
N MET A 9 -1.60 30.30 -7.77
CA MET A 9 -0.32 29.63 -7.60
CA MET A 9 -0.32 29.63 -7.58
C MET A 9 -0.53 28.17 -7.21
N ILE A 10 0.31 27.30 -7.76
CA ILE A 10 0.31 25.88 -7.43
C ILE A 10 1.72 25.49 -7.00
N VAL A 11 1.79 24.40 -6.24
CA VAL A 11 3.06 23.79 -5.86
C VAL A 11 3.03 22.33 -6.28
N GLU A 12 4.10 21.90 -6.94
CA GLU A 12 4.29 20.48 -7.26
C GLU A 12 5.19 19.86 -6.21
N GLU A 13 4.71 18.81 -5.56
CA GLU A 13 5.57 18.01 -4.69
C GLU A 13 6.00 16.77 -5.45
N ARG A 14 7.30 16.60 -5.64
CA ARG A 14 7.84 15.38 -6.26
C ARG A 14 8.50 14.49 -5.22
N ILE A 15 8.22 13.20 -5.27
CA ILE A 15 8.67 12.27 -4.24
C ILE A 15 9.40 11.13 -4.94
N TYR A 16 10.70 11.00 -4.69
CA TYR A 16 11.46 9.94 -5.33
C TYR A 16 11.95 8.95 -4.29
N ASP A 17 11.65 7.68 -4.49
CA ASP A 17 12.27 6.61 -3.71
C ASP A 17 13.53 6.17 -4.42
N LEU A 18 14.63 6.06 -3.66
CA LEU A 18 15.95 5.78 -4.21
C LEU A 18 16.42 4.40 -3.80
N ARG A 19 17.47 3.94 -4.47
CA ARG A 19 18.10 2.70 -4.05
C ARG A 19 18.71 2.90 -2.67
N PRO A 20 18.77 1.82 -1.87
CA PRO A 20 19.20 1.98 -0.48
C PRO A 20 20.50 2.75 -0.36
N ASN A 21 20.50 3.71 0.56
CA ASN A 21 21.65 4.57 0.87
C ASN A 21 22.06 5.45 -0.29
N GLY A 22 21.19 5.61 -1.28
CA GLY A 22 21.47 6.41 -2.46
C GLY A 22 21.25 7.91 -2.33
N ALA A 23 20.73 8.39 -1.20
CA ALA A 23 20.39 9.81 -1.10
C ALA A 23 21.64 10.66 -1.02
N ARG A 24 22.70 10.16 -0.37
CA ARG A 24 23.93 10.94 -0.25
C ARG A 24 24.51 11.25 -1.64
N GLU A 25 24.63 10.23 -2.49
CA GLU A 25 25.15 10.48 -3.84
C GLU A 25 24.21 11.38 -4.64
N PHE A 26 22.89 11.18 -4.46
CA PHE A 26 21.89 11.99 -5.16
C PHE A 26 22.10 13.46 -4.85
N ALA A 27 22.17 13.81 -3.56
CA ALA A 27 22.39 15.19 -3.16
C ALA A 27 23.71 15.73 -3.70
N GLN A 28 24.75 14.89 -3.66
CA GLN A 28 26.06 15.32 -4.16
C GLN A 28 26.02 15.76 -5.61
N HIS A 29 25.29 15.02 -6.47
CA HIS A 29 25.21 15.39 -7.88
C HIS A 29 24.42 16.69 -8.05
N PHE A 30 23.31 16.82 -7.33
CA PHE A 30 22.50 18.01 -7.47
C PHE A 30 23.23 19.24 -6.93
N GLU A 31 23.99 19.09 -5.85
CA GLU A 31 24.76 20.25 -5.40
C GLU A 31 25.94 20.54 -6.30
N ARG A 32 26.54 19.52 -6.90
CA ARG A 32 27.73 19.76 -7.71
C ARG A 32 27.39 20.23 -9.11
N GLU A 33 26.23 19.81 -9.64
CA GLU A 33 25.99 20.05 -11.06
CA GLU A 33 25.99 19.99 -11.07
C GLU A 33 24.51 20.24 -11.37
N GLY A 34 23.64 19.45 -10.73
CA GLY A 34 22.26 19.39 -11.12
C GLY A 34 21.39 20.60 -10.83
N ILE A 35 21.49 21.17 -9.64
CA ILE A 35 20.56 22.24 -9.30
C ILE A 35 20.91 23.52 -10.05
N ALA A 36 22.16 23.65 -10.49
CA ALA A 36 22.53 24.77 -11.34
C ALA A 36 21.81 24.71 -12.68
N ILE A 37 21.56 23.49 -13.17
CA ILE A 37 20.85 23.30 -14.42
C ILE A 37 19.37 23.56 -14.25
N GLN A 38 18.79 22.98 -13.20
CA GLN A 38 17.35 22.80 -13.11
C GLN A 38 16.64 23.99 -12.49
N ARG A 39 17.24 24.58 -11.47
CA ARG A 39 16.54 25.61 -10.69
C ARG A 39 16.30 26.87 -11.51
N PRO A 40 17.28 27.38 -12.27
CA PRO A 40 17.00 28.59 -13.07
C PRO A 40 15.86 28.41 -14.06
N VAL A 41 15.66 27.19 -14.53
CA VAL A 41 14.65 26.90 -15.54
C VAL A 41 13.26 26.82 -14.89
N LEU A 42 13.13 25.99 -13.86
CA LEU A 42 11.83 25.85 -13.23
C LEU A 42 11.46 27.09 -12.41
N GLY A 43 12.43 27.65 -11.68
CA GLY A 43 12.30 28.98 -11.12
C GLY A 43 12.12 29.14 -9.62
N ARG A 44 11.38 28.23 -8.95
CA ARG A 44 10.94 28.50 -7.58
C ARG A 44 11.00 27.21 -6.74
N LEU A 45 12.19 26.90 -6.26
CA LEU A 45 12.38 25.77 -5.36
C LEU A 45 11.99 26.18 -3.95
N ILE A 46 10.95 25.55 -3.42
CA ILE A 46 10.50 25.81 -2.06
C ILE A 46 11.30 24.98 -1.05
N GLY A 47 11.67 23.76 -1.45
CA GLY A 47 12.44 22.89 -0.59
C GLY A 47 12.93 21.65 -1.33
N TYR A 48 14.12 21.20 -0.97
CA TYR A 48 14.67 19.96 -1.53
C TYR A 48 15.28 19.19 -0.38
N PHE A 49 14.68 18.04 -0.08
CA PHE A 49 14.99 17.32 1.14
C PHE A 49 15.25 15.85 0.86
N TYR A 50 15.91 15.21 1.81
CA TYR A 50 15.88 13.75 1.94
C TYR A 50 15.34 13.37 3.32
N THR A 51 14.73 12.20 3.40
CA THR A 51 14.12 11.74 4.65
C THR A 51 15.15 11.22 5.66
N ASP A 52 14.92 11.55 6.92
CA ASP A 52 15.64 10.92 8.03
C ASP A 52 14.76 10.01 8.85
N ILE A 53 13.48 10.30 8.97
CA ILE A 53 12.55 9.41 9.67
C ILE A 53 11.27 9.28 8.85
N GLY A 54 10.86 8.05 8.57
CA GLY A 54 9.71 7.76 7.76
C GLY A 54 10.09 6.77 6.69
N PRO A 55 9.64 6.97 5.44
CA PRO A 55 10.17 6.17 4.32
C PRO A 55 11.59 6.63 4.05
N LEU A 56 12.54 5.73 4.21
CA LEU A 56 13.94 6.10 4.06
C LEU A 56 14.39 5.97 2.60
N ASN A 57 15.56 6.52 2.32
CA ASN A 57 16.07 6.61 0.95
C ASN A 57 15.05 7.28 0.03
N GLN A 58 14.58 8.45 0.45
CA GLN A 58 13.58 9.20 -0.30
C GLN A 58 13.98 10.65 -0.33
N VAL A 59 13.83 11.29 -1.48
CA VAL A 59 14.06 12.71 -1.63
C VAL A 59 12.73 13.35 -1.97
N VAL A 60 12.50 14.52 -1.42
CA VAL A 60 11.23 15.21 -1.54
C VAL A 60 11.54 16.63 -1.94
N HIS A 61 10.93 17.10 -3.03
CA HIS A 61 11.19 18.46 -3.45
C HIS A 61 9.92 19.14 -3.91
N LEU A 62 9.82 20.42 -3.58
CA LEU A 62 8.62 21.22 -3.79
C LEU A 62 8.97 22.39 -4.70
N TRP A 63 8.23 22.51 -5.80
CA TRP A 63 8.48 23.57 -6.76
C TRP A 63 7.24 24.43 -6.93
N GLY A 64 7.43 25.76 -6.85
CA GLY A 64 6.32 26.68 -7.02
C GLY A 64 6.12 27.10 -8.46
N TYR A 65 4.86 27.29 -8.84
CA TYR A 65 4.55 27.77 -10.19
C TYR A 65 3.36 28.72 -10.11
N GLU A 66 3.29 29.61 -11.10
CA GLU A 66 2.16 30.53 -11.15
C GLU A 66 0.85 29.82 -11.51
N ASP A 67 0.91 28.78 -12.33
CA ASP A 67 -0.25 27.95 -12.65
C ASP A 67 0.26 26.70 -13.34
N LEU A 68 -0.65 25.77 -13.65
CA LEU A 68 -0.20 24.54 -14.31
C LEU A 68 0.28 24.82 -15.72
N GLU A 69 -0.25 25.87 -16.36
CA GLU A 69 0.24 26.23 -17.70
C GLU A 69 1.71 26.63 -17.66
N ASP A 70 2.09 27.55 -16.75
CA ASP A 70 3.51 27.87 -16.60
C ASP A 70 4.34 26.66 -16.20
N ARG A 71 3.79 25.76 -15.36
CA ARG A 71 4.52 24.54 -15.01
C ARG A 71 4.86 23.75 -16.27
N ALA A 72 3.88 23.53 -17.14
CA ALA A 72 4.10 22.74 -18.35
C ALA A 72 5.11 23.42 -19.28
N ARG A 73 5.00 24.75 -19.45
CA ARG A 73 5.97 25.46 -20.28
C ARG A 73 7.38 25.27 -19.75
N ARG A 74 7.58 25.48 -18.45
CA ARG A 74 8.94 25.43 -17.95
C ARG A 74 9.49 23.99 -17.91
N ARG A 75 8.67 23.03 -17.54
CA ARG A 75 9.16 21.65 -17.55
C ARG A 75 9.49 21.19 -18.97
N ALA A 76 8.71 21.62 -19.96
CA ALA A 76 9.02 21.26 -21.34
C ALA A 76 10.37 21.84 -21.76
N ILE A 77 10.69 23.04 -21.27
CA ILE A 77 11.99 23.66 -21.57
C ILE A 77 13.11 22.86 -20.95
N LEU A 78 12.94 22.44 -19.69
CA LEU A 78 13.98 21.65 -19.05
C LEU A 78 14.16 20.32 -19.75
N LEU A 79 13.06 19.61 -20.01
CA LEU A 79 13.15 18.27 -20.60
C LEU A 79 13.89 18.29 -21.93
N ALA A 80 13.76 19.36 -22.71
CA ALA A 80 14.39 19.42 -24.03
C ALA A 80 15.86 19.81 -23.98
N MET A 81 16.41 20.09 -22.80
CA MET A 81 17.80 20.49 -22.70
C MET A 81 18.69 19.25 -22.70
N PRO A 82 19.57 19.08 -23.69
CA PRO A 82 20.47 17.92 -23.64
C PRO A 82 21.36 17.90 -22.42
N GLU A 83 21.76 19.06 -21.91
CA GLU A 83 22.58 19.08 -20.69
C GLU A 83 21.84 18.44 -19.51
N TRP A 84 20.54 18.72 -19.37
CA TRP A 84 19.76 18.11 -18.30
C TRP A 84 19.54 16.62 -18.55
N GLN A 85 19.18 16.24 -19.77
CA GLN A 85 18.96 14.84 -20.12
CA GLN A 85 18.94 14.84 -20.08
C GLN A 85 20.16 13.98 -19.75
N GLU A 86 21.35 14.43 -20.14
CA GLU A 86 22.54 13.63 -19.88
C GLU A 86 22.92 13.64 -18.42
N TYR A 87 22.78 14.80 -17.75
CA TYR A 87 22.99 14.85 -16.31
C TYR A 87 22.15 13.80 -15.61
N VAL A 88 20.86 13.72 -15.97
CA VAL A 88 19.97 12.76 -15.33
C VAL A 88 20.37 11.34 -15.69
N ARG A 89 20.52 11.06 -16.98
CA ARG A 89 20.82 9.70 -17.42
C ARG A 89 22.05 9.15 -16.74
N LYS A 90 23.11 9.95 -16.67
CA LYS A 90 24.39 9.45 -16.16
C LYS A 90 24.40 9.32 -14.64
N ASN A 91 23.89 10.32 -13.93
CA ASN A 91 24.13 10.48 -12.50
C ASN A 91 22.97 10.11 -11.60
N ILE A 92 21.73 10.33 -12.04
CA ILE A 92 20.57 10.22 -11.19
C ILE A 92 19.74 8.97 -11.50
N GLN A 93 19.54 8.67 -12.79
CA GLN A 93 18.80 7.49 -13.21
CA GLN A 93 18.77 7.50 -13.17
C GLN A 93 19.22 6.22 -12.46
N PRO A 94 20.51 5.92 -12.30
CA PRO A 94 20.87 4.68 -11.58
C PRO A 94 20.41 4.63 -10.14
N LEU A 95 20.13 5.79 -9.53
CA LEU A 95 19.72 5.86 -8.13
C LEU A 95 18.21 5.77 -7.96
N LEU A 96 17.44 5.89 -9.04
CA LEU A 96 15.99 5.98 -8.91
C LEU A 96 15.35 4.60 -8.83
N VAL A 97 14.31 4.48 -8.00
CA VAL A 97 13.50 3.27 -7.89
C VAL A 97 12.05 3.55 -8.20
N ARG A 98 11.46 4.57 -7.57
CA ARG A 98 10.06 4.94 -7.74
C ARG A 98 9.93 6.46 -7.72
N MET A 99 9.03 7.00 -8.54
CA MET A 99 8.76 8.42 -8.58
C MET A 99 7.26 8.65 -8.54
N GLN A 100 6.85 9.68 -7.80
CA GLN A 100 5.46 10.12 -7.76
CA GLN A 100 5.46 10.12 -7.78
C GLN A 100 5.43 11.63 -7.61
N ASN A 101 4.32 12.23 -8.03
CA ASN A 101 4.14 13.65 -7.78
C ASN A 101 2.68 13.96 -7.48
N LYS A 102 2.48 15.14 -6.89
CA LYS A 102 1.20 15.66 -6.47
C LYS A 102 1.17 17.14 -6.83
N ILE A 103 -0.04 17.65 -7.09
CA ILE A 103 -0.24 19.08 -7.25
C ILE A 103 -0.95 19.58 -6.00
N LEU A 104 -0.30 20.53 -5.30
CA LEU A 104 -0.75 21.10 -4.04
C LEU A 104 -1.22 22.54 -4.23
N LEU A 105 -2.33 22.88 -3.62
CA LEU A 105 -2.82 24.26 -3.65
C LEU A 105 -2.63 24.90 -2.28
N PRO A 106 -2.05 26.09 -2.19
CA PRO A 106 -1.82 26.67 -0.87
C PRO A 106 -3.10 27.20 -0.25
N MET A 107 -3.22 27.02 1.07
CA MET A 107 -4.27 27.69 1.80
C MET A 107 -3.96 29.17 1.89
N SER A 108 -4.99 29.95 2.26
CA SER A 108 -4.89 31.41 2.24
C SER A 108 -3.76 31.91 3.12
N PHE A 109 -3.49 31.23 4.23
CA PHE A 109 -2.44 31.66 5.16
C PHE A 109 -1.09 31.08 4.82
N SER A 110 -0.99 30.29 3.76
CA SER A 110 0.30 29.71 3.46
C SER A 110 1.20 30.78 2.79
N PRO A 111 2.52 30.63 2.91
CA PRO A 111 3.43 31.67 2.39
C PRO A 111 3.23 31.93 0.91
N PRO A 112 3.54 33.14 0.46
CA PRO A 112 3.30 33.49 -0.95
C PRO A 112 4.30 32.82 -1.89
N LEU A 113 4.01 32.98 -3.17
CA LEU A 113 4.90 32.56 -4.24
C LEU A 113 6.27 33.23 -4.06
N PRO A 114 7.34 32.46 -3.84
CA PRO A 114 8.66 33.08 -3.73
C PRO A 114 9.09 33.64 -5.07
N PRO A 115 10.10 34.50 -5.10
CA PRO A 115 10.51 35.09 -6.38
C PRO A 115 11.26 34.08 -7.23
N LEU A 116 11.31 34.37 -8.53
CA LEU A 116 12.08 33.54 -9.46
C LEU A 116 13.56 33.60 -9.11
N TRP A 117 14.21 32.44 -9.22
CA TRP A 117 15.66 32.36 -9.06
C TRP A 117 16.36 33.17 -10.14
N GLN A 118 17.34 33.98 -9.73
CA GLN A 118 18.07 34.86 -10.63
C GLN A 118 19.54 34.46 -10.71
N PRO A 119 20.21 34.71 -11.84
CA PRO A 119 21.63 34.32 -11.97
C PRO A 119 22.51 34.85 -10.85
N GLU A 120 22.14 35.95 -10.21
CA GLU A 120 22.89 36.43 -9.04
C GLU A 120 22.80 35.44 -7.89
N ASP A 121 21.60 34.90 -7.65
CA ASP A 121 21.39 33.91 -6.59
C ASP A 121 22.28 32.69 -6.82
N HIS B 6 23.34 24.05 6.68
CA HIS B 6 22.00 24.33 7.19
C HIS B 6 21.93 24.21 8.71
N HIS B 7 23.04 23.79 9.30
CA HIS B 7 23.20 23.74 10.76
C HIS B 7 22.06 22.98 11.43
N HIS B 8 21.80 21.78 10.91
CA HIS B 8 20.88 20.82 11.51
C HIS B 8 19.44 21.31 11.58
N MET B 9 19.05 22.31 10.77
CA MET B 9 17.64 22.61 10.63
CA MET B 9 17.64 22.62 10.61
C MET B 9 16.90 21.39 10.12
N ILE B 10 15.67 21.21 10.60
CA ILE B 10 14.86 20.07 10.19
C ILE B 10 13.51 20.58 9.73
N VAL B 11 12.86 19.78 8.89
CA VAL B 11 11.53 20.09 8.38
C VAL B 11 10.65 18.89 8.66
N GLU B 12 9.48 19.12 9.27
CA GLU B 12 8.52 18.05 9.47
C GLU B 12 7.41 18.22 8.44
N GLU B 13 7.14 17.16 7.70
CA GLU B 13 6.02 17.14 6.78
C GLU B 13 4.93 16.27 7.41
N ARG B 14 3.77 16.87 7.62
CA ARG B 14 2.61 16.15 8.11
C ARG B 14 1.62 16.01 6.97
N ILE B 15 1.03 14.83 6.86
CA ILE B 15 0.14 14.48 5.76
C ILE B 15 -1.14 13.91 6.37
N TYR B 16 -2.26 14.61 6.21
CA TYR B 16 -3.52 14.18 6.78
C TYR B 16 -4.47 13.83 5.65
N ASP B 17 -5.02 12.63 5.70
CA ASP B 17 -6.11 12.28 4.80
C ASP B 17 -7.43 12.55 5.51
N LEU B 18 -8.29 13.30 4.85
CA LEU B 18 -9.54 13.76 5.43
C LEU B 18 -10.73 13.00 4.87
N ARG B 19 -11.87 13.20 5.52
CA ARG B 19 -13.09 12.66 4.94
C ARG B 19 -13.32 13.31 3.58
N PRO B 20 -13.98 12.62 2.66
CA PRO B 20 -14.15 13.16 1.31
C PRO B 20 -14.76 14.55 1.34
N ASN B 21 -14.18 15.44 0.53
CA ASN B 21 -14.64 16.83 0.40
C ASN B 21 -14.49 17.64 1.69
N GLY B 22 -13.70 17.15 2.64
CA GLY B 22 -13.48 17.87 3.88
C GLY B 22 -12.37 18.91 3.91
N ALA B 23 -11.55 19.02 2.86
CA ALA B 23 -10.45 19.99 2.87
C ALA B 23 -10.98 21.42 2.94
N ARG B 24 -12.11 21.71 2.29
CA ARG B 24 -12.64 23.07 2.32
C ARG B 24 -12.95 23.51 3.75
N GLU B 25 -13.63 22.65 4.52
CA GLU B 25 -13.93 23.01 5.90
C GLU B 25 -12.68 23.07 6.75
N PHE B 26 -11.73 22.16 6.51
CA PHE B 26 -10.47 22.15 7.23
C PHE B 26 -9.74 23.48 7.06
N ALA B 27 -9.58 23.93 5.81
CA ALA B 27 -8.90 25.19 5.56
C ALA B 27 -9.65 26.37 6.17
N GLN B 28 -10.98 26.34 6.08
CA GLN B 28 -11.79 27.43 6.64
C GLN B 28 -11.60 27.54 8.15
N HIS B 29 -11.64 26.41 8.87
CA HIS B 29 -11.37 26.45 10.31
C HIS B 29 -9.97 26.96 10.61
N PHE B 30 -8.98 26.57 9.79
CA PHE B 30 -7.64 27.05 10.08
C PHE B 30 -7.46 28.52 9.71
N GLU B 31 -8.02 28.97 8.59
CA GLU B 31 -7.86 30.39 8.28
C GLU B 31 -8.57 31.28 9.29
N ARG B 32 -9.70 30.82 9.84
CA ARG B 32 -10.50 31.68 10.71
C ARG B 32 -10.06 31.62 12.17
N GLU B 33 -9.44 30.52 12.61
CA GLU B 33 -9.19 30.34 14.02
CA GLU B 33 -9.22 30.28 14.03
C GLU B 33 -7.90 29.56 14.28
N GLY B 34 -7.70 28.46 13.57
CA GLY B 34 -6.70 27.49 13.98
C GLY B 34 -5.28 27.92 13.76
N ILE B 35 -4.98 28.55 12.61
CA ILE B 35 -3.59 28.84 12.34
C ILE B 35 -3.09 29.95 13.25
N ALA B 36 -4.01 30.79 13.73
CA ALA B 36 -3.66 31.82 14.70
C ALA B 36 -3.21 31.24 16.03
N ILE B 37 -3.67 30.04 16.36
CA ILE B 37 -3.23 29.37 17.59
C ILE B 37 -1.87 28.71 17.37
N GLN B 38 -1.77 27.98 16.26
CA GLN B 38 -0.73 26.98 16.08
C GLN B 38 0.58 27.58 15.59
N ARG B 39 0.53 28.51 14.64
CA ARG B 39 1.73 28.98 13.96
C ARG B 39 2.60 29.81 14.90
N PRO B 40 2.04 30.67 15.74
CA PRO B 40 2.91 31.39 16.69
C PRO B 40 3.67 30.46 17.63
N VAL B 41 3.12 29.28 17.93
CA VAL B 41 3.79 28.35 18.83
C VAL B 41 4.82 27.51 18.08
N LEU B 42 4.45 26.91 16.95
CA LEU B 42 5.43 26.07 16.26
C LEU B 42 6.49 26.88 15.53
N GLY B 43 6.09 28.01 14.94
CA GLY B 43 7.06 29.01 14.55
C GLY B 43 7.30 29.22 13.06
N ARG B 44 7.42 28.15 12.29
CA ARG B 44 7.98 28.29 10.94
C ARG B 44 7.16 27.44 9.99
N LEU B 45 6.03 27.99 9.56
CA LEU B 45 5.25 27.31 8.54
C LEU B 45 5.90 27.55 7.19
N ILE B 46 6.30 26.48 6.51
CA ILE B 46 6.88 26.58 5.18
C ILE B 46 5.80 26.47 4.10
N GLY B 47 4.73 25.76 4.38
CA GLY B 47 3.64 25.58 3.43
C GLY B 47 2.51 24.83 4.08
N TYR B 48 1.27 25.25 3.80
CA TYR B 48 0.07 24.49 4.15
C TYR B 48 -0.79 24.37 2.91
N PHE B 49 -1.08 23.14 2.52
CA PHE B 49 -1.62 22.88 1.20
C PHE B 49 -2.76 21.90 1.30
N TYR B 50 -3.58 21.86 0.25
CA TYR B 50 -4.46 20.72 0.02
C TYR B 50 -4.24 20.21 -1.40
N THR B 51 -4.53 18.93 -1.61
CA THR B 51 -4.23 18.31 -2.90
C THR B 51 -5.31 18.60 -3.93
N ASP B 52 -4.86 18.92 -5.14
CA ASP B 52 -5.73 18.99 -6.32
C ASP B 52 -5.55 17.81 -7.25
N ILE B 53 -4.35 17.25 -7.36
CA ILE B 53 -4.14 16.08 -8.20
C ILE B 53 -3.23 15.12 -7.45
N GLY B 54 -3.63 13.86 -7.39
CA GLY B 54 -2.92 12.85 -6.65
C GLY B 54 -3.87 12.22 -5.67
N PRO B 55 -3.42 12.00 -4.44
CA PRO B 55 -4.36 11.56 -3.38
C PRO B 55 -5.23 12.73 -2.97
N LEU B 56 -6.52 12.67 -3.25
CA LEU B 56 -7.44 13.75 -2.98
C LEU B 56 -7.90 13.75 -1.51
N ASN B 57 -8.46 14.88 -1.08
CA ASN B 57 -8.92 15.05 0.30
C ASN B 57 -7.75 14.93 1.28
N GLN B 58 -6.64 15.58 0.95
CA GLN B 58 -5.42 15.45 1.70
C GLN B 58 -4.85 16.84 1.94
N VAL B 59 -4.34 17.08 3.14
CA VAL B 59 -3.68 18.32 3.48
C VAL B 59 -2.24 18.00 3.84
N VAL B 60 -1.32 18.81 3.30
CA VAL B 60 0.10 18.61 3.48
C VAL B 60 0.65 19.89 4.08
N HIS B 61 1.36 19.78 5.20
CA HIS B 61 1.95 20.97 5.79
C HIS B 61 3.35 20.69 6.27
N LEU B 62 4.22 21.69 6.08
CA LEU B 62 5.64 21.59 6.37
C LEU B 62 6.01 22.61 7.41
N TRP B 63 6.63 22.15 8.48
CA TRP B 63 7.02 22.96 9.62
C TRP B 63 8.52 22.89 9.77
N GLY B 64 9.18 24.04 9.84
CA GLY B 64 10.62 24.13 10.00
C GLY B 64 10.99 24.27 11.46
N TYR B 65 12.04 23.57 11.88
CA TYR B 65 12.55 23.66 13.23
C TYR B 65 14.06 23.72 13.20
N GLU B 66 14.62 24.32 14.27
CA GLU B 66 16.07 24.38 14.36
C GLU B 66 16.65 22.98 14.57
N ASP B 67 15.93 22.12 15.26
CA ASP B 67 16.34 20.72 15.46
C ASP B 67 15.17 19.96 16.09
N LEU B 68 15.37 18.65 16.28
CA LEU B 68 14.30 17.82 16.81
C LEU B 68 14.02 18.10 18.29
N GLU B 69 15.01 18.63 19.03
CA GLU B 69 14.78 19.05 20.40
C GLU B 69 13.81 20.23 20.44
N ASP B 70 14.05 21.26 19.63
CA ASP B 70 13.11 22.37 19.61
C ASP B 70 11.75 21.98 19.04
N ARG B 71 11.71 21.08 18.04
CA ARG B 71 10.42 20.54 17.62
C ARG B 71 9.65 19.97 18.80
N ALA B 72 10.31 19.12 19.59
CA ALA B 72 9.63 18.47 20.72
C ALA B 72 9.13 19.51 21.72
N ARG B 73 9.96 20.51 22.04
CA ARG B 73 9.58 21.49 23.04
C ARG B 73 8.40 22.32 22.56
N ARG B 74 8.41 22.75 21.30
CA ARG B 74 7.34 23.59 20.79
C ARG B 74 6.05 22.80 20.62
N ARG B 75 6.14 21.56 20.15
CA ARG B 75 4.93 20.76 20.00
C ARG B 75 4.32 20.40 21.35
N ALA B 76 5.15 20.18 22.37
CA ALA B 76 4.59 19.87 23.68
C ALA B 76 3.89 21.08 24.28
N ILE B 77 4.40 22.28 24.00
CA ILE B 77 3.70 23.50 24.38
C ILE B 77 2.35 23.59 23.68
N LEU B 78 2.35 23.38 22.36
CA LEU B 78 1.10 23.43 21.61
C LEU B 78 0.08 22.46 22.20
N LEU B 79 0.50 21.22 22.42
CA LEU B 79 -0.46 20.17 22.78
C LEU B 79 -1.08 20.38 24.14
N ALA B 80 -0.36 21.05 25.04
CA ALA B 80 -0.83 21.33 26.39
C ALA B 80 -1.79 22.52 26.48
N MET B 81 -2.03 23.23 25.37
CA MET B 81 -2.89 24.40 25.39
C MET B 81 -4.34 23.97 25.26
N PRO B 82 -5.18 24.21 26.27
CA PRO B 82 -6.60 23.84 26.12
C PRO B 82 -7.26 24.51 24.93
N GLU B 83 -6.85 25.74 24.59
CA GLU B 83 -7.40 26.38 23.41
C GLU B 83 -7.13 25.54 22.16
N TRP B 84 -5.92 25.01 22.04
CA TRP B 84 -5.60 24.13 20.91
C TRP B 84 -6.42 22.85 20.97
N GLN B 85 -6.43 22.21 22.14
CA GLN B 85 -7.16 20.96 22.33
C GLN B 85 -8.62 21.13 21.93
N GLU B 86 -9.27 22.18 22.44
CA GLU B 86 -10.68 22.38 22.13
C GLU B 86 -10.90 22.73 20.67
N TYR B 87 -10.01 23.54 20.08
CA TYR B 87 -10.11 23.82 18.65
C TYR B 87 -10.07 22.53 17.83
N VAL B 88 -9.13 21.64 18.15
CA VAL B 88 -9.01 20.40 17.40
C VAL B 88 -10.22 19.49 17.64
N ARG B 89 -10.62 19.31 18.90
CA ARG B 89 -11.74 18.40 19.19
C ARG B 89 -13.01 18.81 18.45
N LYS B 90 -13.31 20.12 18.43
CA LYS B 90 -14.59 20.56 17.89
C LYS B 90 -14.56 20.65 16.37
N ASN B 91 -13.47 21.17 15.80
CA ASN B 91 -13.49 21.57 14.39
C ASN B 91 -12.74 20.60 13.48
N ILE B 92 -11.62 20.04 13.91
CA ILE B 92 -10.74 19.26 13.04
C ILE B 92 -10.95 17.76 13.22
N GLN B 93 -11.10 17.31 14.47
CA GLN B 93 -11.28 15.88 14.73
C GLN B 93 -12.28 15.18 13.83
N PRO B 94 -13.50 15.71 13.61
CA PRO B 94 -14.47 15.00 12.76
C PRO B 94 -14.03 14.83 11.32
N LEU B 95 -13.06 15.63 10.85
CA LEU B 95 -12.65 15.60 9.46
C LEU B 95 -11.48 14.66 9.19
N LEU B 96 -10.78 14.22 10.23
CA LEU B 96 -9.57 13.41 10.07
C LEU B 96 -9.91 11.95 9.81
N VAL B 97 -9.17 11.33 8.88
CA VAL B 97 -9.23 9.89 8.65
C VAL B 97 -7.88 9.23 8.92
N ARG B 98 -6.80 9.78 8.35
CA ARG B 98 -5.46 9.20 8.55
C ARG B 98 -4.44 10.33 8.67
N MET B 99 -3.45 10.12 9.54
CA MET B 99 -2.33 11.05 9.74
C MET B 99 -1.00 10.32 9.65
N GLN B 100 -0.04 10.94 8.96
CA GLN B 100 1.34 10.49 8.90
C GLN B 100 2.26 11.71 9.00
N ASN B 101 3.51 11.47 9.38
CA ASN B 101 4.51 12.52 9.29
C ASN B 101 5.86 11.92 8.93
N LYS B 102 6.75 12.78 8.42
CA LYS B 102 8.13 12.45 8.08
C LYS B 102 9.04 13.56 8.57
N ILE B 103 10.29 13.23 8.87
CA ILE B 103 11.31 14.23 9.17
C ILE B 103 12.20 14.34 7.95
N LEU B 104 12.30 15.56 7.42
CA LEU B 104 13.05 15.84 6.20
C LEU B 104 14.28 16.67 6.53
N LEU B 105 15.39 16.36 5.87
CA LEU B 105 16.61 17.13 6.04
C LEU B 105 16.91 17.91 4.76
N PRO B 106 17.19 19.21 4.84
CA PRO B 106 17.41 20.00 3.63
C PRO B 106 18.77 19.71 2.98
N MET B 107 18.78 19.72 1.66
CA MET B 107 20.06 19.68 0.96
C MET B 107 20.72 21.06 1.03
N SER B 108 22.02 21.11 0.71
CA SER B 108 22.79 22.33 0.95
C SER B 108 22.19 23.51 0.22
N PHE B 109 21.57 23.28 -0.94
CA PHE B 109 21.05 24.34 -1.78
C PHE B 109 19.59 24.67 -1.50
N SER B 110 18.96 23.97 -0.52
CA SER B 110 17.56 24.23 -0.20
C SER B 110 17.45 25.53 0.60
N PRO B 111 16.31 26.22 0.53
CA PRO B 111 16.21 27.53 1.17
C PRO B 111 16.47 27.44 2.66
N PRO B 112 17.02 28.50 3.25
CA PRO B 112 17.43 28.43 4.65
C PRO B 112 16.23 28.43 5.60
N LEU B 113 16.55 28.27 6.89
CA LEU B 113 15.54 28.31 7.95
C LEU B 113 14.79 29.64 7.92
N PRO B 114 13.49 29.63 7.64
CA PRO B 114 12.71 30.88 7.65
C PRO B 114 12.64 31.47 9.05
N PRO B 115 12.36 32.77 9.17
CA PRO B 115 12.31 33.39 10.51
C PRO B 115 11.04 32.99 11.26
N LEU B 116 11.09 33.15 12.57
CA LEU B 116 9.93 32.86 13.39
C LEU B 116 8.76 33.80 13.06
N TRP B 117 7.56 33.23 13.07
CA TRP B 117 6.35 34.03 12.99
C TRP B 117 6.25 34.93 14.21
N GLN B 118 6.03 36.23 13.98
CA GLN B 118 6.00 37.25 15.02
C GLN B 118 4.60 37.83 15.18
N PRO B 119 4.27 38.36 16.36
CA PRO B 119 2.94 39.00 16.52
C PRO B 119 2.63 40.03 15.44
N GLU B 120 3.64 40.81 15.02
CA GLU B 120 3.45 41.76 13.93
C GLU B 120 2.99 41.07 12.66
N ASP B 121 3.44 39.84 12.42
CA ASP B 121 2.94 39.08 11.26
C ASP B 121 1.48 38.70 11.44
N GLU B 122 1.02 38.55 12.68
CA GLU B 122 -0.36 38.19 12.96
C GLU B 122 -1.26 39.42 12.90
N HIS C 6 9.18 7.43 32.05
CA HIS C 6 10.20 6.92 31.13
C HIS C 6 11.23 7.99 30.75
N HIS C 7 11.19 9.13 31.44
CA HIS C 7 12.20 10.19 31.29
C HIS C 7 12.40 10.55 29.82
N HIS C 8 11.29 10.66 29.09
CA HIS C 8 11.29 11.04 27.68
C HIS C 8 12.10 10.08 26.82
N MET C 9 12.22 8.82 27.26
CA MET C 9 12.88 7.79 26.47
C MET C 9 12.13 7.58 25.16
N ILE C 10 12.88 7.30 24.09
CA ILE C 10 12.30 7.02 22.78
C ILE C 10 12.87 5.73 22.22
N VAL C 11 12.12 5.11 21.32
CA VAL C 11 12.55 3.89 20.65
C VAL C 11 12.39 4.08 19.15
N GLU C 12 13.44 3.75 18.41
CA GLU C 12 13.38 3.74 16.95
C GLU C 12 13.19 2.30 16.49
N GLU C 13 12.17 2.06 15.67
CA GLU C 13 11.99 0.79 15.02
C GLU C 13 12.43 0.97 13.57
N ARG C 14 13.39 0.17 13.14
CA ARG C 14 13.87 0.21 11.77
C ARG C 14 13.43 -1.06 11.07
N ILE C 15 12.86 -0.93 9.88
CA ILE C 15 12.25 -2.03 9.14
C ILE C 15 12.91 -2.09 7.77
N TYR C 16 13.65 -3.18 7.49
CA TYR C 16 14.36 -3.34 6.22
C TYR C 16 13.77 -4.51 5.45
N ASP C 17 13.26 -4.25 4.25
CA ASP C 17 12.87 -5.32 3.33
C ASP C 17 14.08 -5.75 2.53
N LEU C 18 14.32 -7.04 2.47
CA LEU C 18 15.53 -7.55 1.83
C LEU C 18 15.18 -8.29 0.55
N ARG C 19 16.20 -8.61 -0.24
CA ARG C 19 15.96 -9.44 -1.40
C ARG C 19 15.53 -10.84 -0.93
N PRO C 20 14.74 -11.55 -1.73
CA PRO C 20 14.21 -12.83 -1.27
C PRO C 20 15.30 -13.76 -0.78
N ASN C 21 15.01 -14.40 0.35
CA ASN C 21 15.89 -15.36 1.03
C ASN C 21 17.19 -14.72 1.49
N GLY C 22 17.20 -13.40 1.66
CA GLY C 22 18.35 -12.64 2.09
C GLY C 22 18.57 -12.50 3.59
N ALA C 23 17.59 -12.84 4.44
CA ALA C 23 17.73 -12.61 5.87
C ALA C 23 18.80 -13.50 6.49
N ARG C 24 18.93 -14.74 6.01
CA ARG C 24 19.96 -15.64 6.53
C ARG C 24 21.34 -15.01 6.43
N GLU C 25 21.70 -14.52 5.24
CA GLU C 25 23.01 -13.90 5.06
C GLU C 25 23.13 -12.62 5.86
N PHE C 26 22.07 -11.81 5.88
CA PHE C 26 22.03 -10.60 6.70
C PHE C 26 22.36 -10.93 8.15
N ALA C 27 21.65 -11.90 8.73
CA ALA C 27 21.88 -12.26 10.13
C ALA C 27 23.32 -12.76 10.35
N GLN C 28 23.84 -13.54 9.40
CA GLN C 28 25.21 -14.04 9.54
C GLN C 28 26.22 -12.91 9.63
N HIS C 29 26.05 -11.88 8.78
CA HIS C 29 26.99 -10.77 8.76
C HIS C 29 26.95 -9.97 10.06
N PHE C 30 25.76 -9.72 10.59
CA PHE C 30 25.68 -9.01 11.86
C PHE C 30 26.16 -9.86 13.04
N GLU C 31 25.95 -11.18 13.02
CA GLU C 31 26.45 -12.05 14.10
CA GLU C 31 26.45 -11.93 14.18
C GLU C 31 27.96 -12.01 14.18
N ARG C 32 28.60 -12.18 13.02
CA ARG C 32 30.04 -12.37 12.98
C ARG C 32 30.79 -11.06 13.16
N GLU C 33 30.21 -9.94 12.77
CA GLU C 33 31.00 -8.73 12.69
C GLU C 33 30.17 -7.45 12.85
N GLY C 34 28.95 -7.45 12.30
CA GLY C 34 28.16 -6.23 12.25
C GLY C 34 27.75 -5.69 13.61
N ILE C 35 27.17 -6.54 14.46
CA ILE C 35 26.62 -6.04 15.71
C ILE C 35 27.73 -5.60 16.66
N ALA C 36 28.94 -6.11 16.50
CA ALA C 36 30.06 -5.70 17.34
C ALA C 36 30.48 -4.27 17.04
N ILE C 37 30.24 -3.77 15.82
CA ILE C 37 30.50 -2.36 15.54
C ILE C 37 29.36 -1.51 16.04
N GLN C 38 28.13 -1.94 15.77
CA GLN C 38 26.96 -1.10 15.88
C GLN C 38 26.48 -0.98 17.32
N ARG C 39 26.33 -2.11 18.02
CA ARG C 39 25.68 -2.09 19.33
CA ARG C 39 25.67 -2.07 19.33
C ARG C 39 26.40 -1.21 20.36
N PRO C 40 27.73 -1.28 20.50
CA PRO C 40 28.38 -0.36 21.48
C PRO C 40 28.11 1.09 21.20
N VAL C 41 28.06 1.49 19.92
CA VAL C 41 27.93 2.89 19.56
C VAL C 41 26.51 3.39 19.82
N LEU C 42 25.53 2.65 19.33
CA LEU C 42 24.13 3.08 19.46
C LEU C 42 23.61 2.83 20.86
N GLY C 43 23.98 1.70 21.47
CA GLY C 43 23.88 1.55 22.91
C GLY C 43 22.87 0.57 23.47
N ARG C 44 21.60 0.72 23.11
CA ARG C 44 20.51 -0.03 23.75
C ARG C 44 19.69 -0.81 22.73
N LEU C 45 20.07 -2.05 22.47
CA LEU C 45 19.34 -2.91 21.54
C LEU C 45 18.16 -3.58 22.27
N ILE C 46 16.94 -3.24 21.85
CA ILE C 46 15.77 -3.85 22.47
C ILE C 46 15.47 -5.21 21.83
N GLY C 47 15.57 -5.30 20.50
CA GLY C 47 15.42 -6.55 19.80
C GLY C 47 15.90 -6.44 18.36
N TYR C 48 16.39 -7.53 17.79
CA TYR C 48 16.82 -7.57 16.40
C TYR C 48 16.32 -8.88 15.80
N PHE C 49 15.40 -8.78 14.81
CA PHE C 49 14.59 -9.93 14.40
C PHE C 49 14.56 -10.02 12.88
N TYR C 50 14.14 -11.20 12.42
CA TYR C 50 13.72 -11.37 11.03
C TYR C 50 12.35 -12.01 11.02
N THR C 51 11.61 -11.80 9.92
CA THR C 51 10.21 -12.17 9.91
C THR C 51 10.07 -13.64 9.54
N ASP C 52 9.20 -14.34 10.27
CA ASP C 52 8.80 -15.72 9.97
C ASP C 52 7.44 -15.79 9.29
N ILE C 53 6.47 -14.98 9.73
CA ILE C 53 5.14 -14.96 9.13
C ILE C 53 4.69 -13.51 8.99
N GLY C 54 4.16 -13.18 7.82
CA GLY C 54 3.77 -11.83 7.48
C GLY C 54 4.53 -11.40 6.24
N PRO C 55 5.13 -10.20 6.29
CA PRO C 55 6.05 -9.78 5.22
C PRO C 55 7.38 -10.48 5.37
N LEU C 56 7.64 -11.44 4.51
CA LEU C 56 8.84 -12.23 4.54
C LEU C 56 10.04 -11.45 3.98
N ASN C 57 11.24 -11.96 4.28
CA ASN C 57 12.50 -11.31 3.91
C ASN C 57 12.56 -9.89 4.47
N GLN C 58 12.28 -9.77 5.77
CA GLN C 58 12.26 -8.48 6.46
C GLN C 58 13.04 -8.62 7.75
N VAL C 59 13.86 -7.63 8.06
CA VAL C 59 14.49 -7.54 9.37
C VAL C 59 13.88 -6.36 10.10
N VAL C 60 13.67 -6.51 11.40
CA VAL C 60 13.03 -5.50 12.25
C VAL C 60 13.94 -5.33 13.46
N HIS C 61 14.39 -4.10 13.71
CA HIS C 61 15.20 -3.89 14.90
C HIS C 61 14.78 -2.64 15.65
N LEU C 62 14.83 -2.72 16.98
CA LEU C 62 14.39 -1.64 17.86
C LEU C 62 15.53 -1.20 18.77
N TRP C 63 15.83 0.11 18.76
CA TRP C 63 16.89 0.70 19.55
C TRP C 63 16.31 1.77 20.46
N GLY C 64 16.77 1.78 21.70
CA GLY C 64 16.35 2.76 22.68
C GLY C 64 17.36 3.90 22.80
N TYR C 65 16.82 5.11 22.97
CA TYR C 65 17.63 6.30 23.15
C TYR C 65 17.02 7.14 24.25
N GLU C 66 17.86 8.01 24.83
CA GLU C 66 17.34 8.96 25.80
C GLU C 66 16.39 9.94 25.14
N ASP C 67 16.73 10.42 23.95
CA ASP C 67 15.88 11.36 23.21
C ASP C 67 16.30 11.32 21.74
N LEU C 68 15.73 12.22 20.93
CA LEU C 68 16.05 12.24 19.51
C LEU C 68 17.41 12.88 19.25
N GLU C 69 17.87 13.77 20.13
CA GLU C 69 19.24 14.27 20.02
C GLU C 69 20.25 13.16 20.30
N ASP C 70 20.03 12.42 21.40
CA ASP C 70 20.88 11.27 21.72
C ASP C 70 20.90 10.27 20.58
N ARG C 71 19.76 10.06 19.92
CA ARG C 71 19.73 9.26 18.71
C ARG C 71 20.59 9.90 17.63
N ALA C 72 20.45 11.22 17.45
CA ALA C 72 21.17 11.90 16.39
C ALA C 72 22.67 11.85 16.60
N ARG C 73 23.13 12.06 17.83
CA ARG C 73 24.56 12.06 18.07
C ARG C 73 25.16 10.67 17.87
N ARG C 74 24.53 9.64 18.44
CA ARG C 74 25.07 8.30 18.35
C ARG C 74 25.06 7.78 16.91
N ARG C 75 23.95 8.00 16.19
CA ARG C 75 23.91 7.60 14.80
C ARG C 75 24.93 8.38 13.97
N ALA C 76 25.13 9.65 14.28
CA ALA C 76 26.16 10.43 13.61
C ALA C 76 27.53 9.82 13.81
N ILE C 77 27.80 9.32 15.02
CA ILE C 77 29.09 8.69 15.32
C ILE C 77 29.25 7.40 14.52
N LEU C 78 28.23 6.55 14.56
CA LEU C 78 28.27 5.30 13.81
C LEU C 78 28.49 5.55 12.33
N LEU C 79 27.74 6.50 11.77
CA LEU C 79 27.78 6.75 10.33
C LEU C 79 29.16 7.22 9.87
N ALA C 80 29.91 7.91 10.74
CA ALA C 80 31.21 8.44 10.36
C ALA C 80 32.32 7.38 10.40
N MET C 81 32.06 6.24 11.03
CA MET C 81 33.09 5.22 11.20
CA MET C 81 33.09 5.22 11.20
C MET C 81 33.39 4.53 9.88
N PRO C 82 34.63 4.62 9.36
CA PRO C 82 34.95 3.88 8.13
C PRO C 82 34.71 2.38 8.28
N GLU C 83 34.97 1.83 9.46
CA GLU C 83 34.72 0.40 9.70
C GLU C 83 33.25 0.05 9.45
N TRP C 84 32.33 0.91 9.88
CA TRP C 84 30.92 0.66 9.65
C TRP C 84 30.51 0.93 8.20
N GLN C 85 31.06 1.99 7.60
CA GLN C 85 30.79 2.26 6.19
C GLN C 85 31.17 1.07 5.31
N GLU C 86 32.36 0.51 5.53
CA GLU C 86 32.82 -0.57 4.66
C GLU C 86 32.06 -1.86 4.92
N TYR C 87 31.72 -2.13 6.19
CA TYR C 87 30.93 -3.32 6.49
C TYR C 87 29.58 -3.29 5.78
N VAL C 88 28.91 -2.13 5.80
CA VAL C 88 27.60 -2.03 5.17
C VAL C 88 27.73 -2.14 3.66
N ARG C 89 28.69 -1.44 3.08
CA ARG C 89 28.87 -1.46 1.63
C ARG C 89 29.13 -2.87 1.13
N LYS C 90 30.03 -3.60 1.80
CA LYS C 90 30.47 -4.91 1.31
C LYS C 90 29.43 -5.99 1.53
N ASN C 91 28.81 -6.00 2.72
CA ASN C 91 28.01 -7.15 3.16
C ASN C 91 26.51 -6.88 3.16
N ILE C 92 26.07 -5.68 3.51
CA ILE C 92 24.66 -5.43 3.75
C ILE C 92 23.99 -4.77 2.56
N GLN C 93 24.65 -3.76 1.97
CA GLN C 93 24.08 -3.03 0.85
CA GLN C 93 24.04 -3.03 0.87
C GLN C 93 23.51 -3.91 -0.25
N PRO C 94 24.17 -4.99 -0.69
CA PRO C 94 23.59 -5.79 -1.78
C PRO C 94 22.28 -6.46 -1.42
N LEU C 95 21.98 -6.60 -0.12
CA LEU C 95 20.82 -7.33 0.36
C LEU C 95 19.60 -6.45 0.55
N LEU C 96 19.77 -5.13 0.54
CA LEU C 96 18.70 -4.21 0.91
C LEU C 96 17.80 -3.92 -0.27
N VAL C 97 16.49 -3.85 -0.01
CA VAL C 97 15.51 -3.43 -1.01
C VAL C 97 14.77 -2.16 -0.57
N ARG C 98 14.28 -2.13 0.66
CA ARG C 98 13.53 -0.99 1.17
C ARG C 98 13.84 -0.81 2.65
N MET C 99 13.82 0.45 3.08
CA MET C 99 14.12 0.78 4.45
C MET C 99 13.12 1.83 4.91
N GLN C 100 12.58 1.64 6.11
CA GLN C 100 11.71 2.62 6.76
C GLN C 100 12.02 2.62 8.26
N ASN C 101 11.64 3.71 8.94
CA ASN C 101 11.79 3.73 10.39
C ASN C 101 10.64 4.53 11.01
N LYS C 102 10.46 4.33 12.31
CA LYS C 102 9.40 4.96 13.08
C LYS C 102 10.00 5.36 14.43
N ILE C 103 9.43 6.39 15.02
CA ILE C 103 9.76 6.77 16.39
C ILE C 103 8.58 6.38 17.27
N LEU C 104 8.83 5.48 18.22
CA LEU C 104 7.84 4.96 19.15
C LEU C 104 8.11 5.49 20.54
N LEU C 105 7.04 5.84 21.25
CA LEU C 105 7.13 6.23 22.65
C LEU C 105 6.51 5.15 23.52
N PRO C 106 7.18 4.74 24.59
CA PRO C 106 6.66 3.65 25.41
C PRO C 106 5.48 4.11 26.28
N MET C 107 4.51 3.22 26.44
CA MET C 107 3.44 3.46 27.39
C MET C 107 4.00 3.28 28.81
N SER C 108 3.22 3.71 29.80
CA SER C 108 3.74 3.78 31.15
C SER C 108 4.07 2.39 31.70
N PHE C 109 3.31 1.37 31.30
CA PHE C 109 3.56 0.00 31.72
C PHE C 109 4.58 -0.74 30.87
N SER C 110 5.07 -0.14 29.78
CA SER C 110 6.10 -0.76 28.98
C SER C 110 7.41 -0.87 29.76
N PRO C 111 8.18 -1.93 29.53
CA PRO C 111 9.45 -2.12 30.28
C PRO C 111 10.37 -0.92 30.14
N PRO C 112 11.29 -0.73 31.08
CA PRO C 112 12.33 0.28 30.91
C PRO C 112 13.28 -0.08 29.77
N LEU C 113 13.97 0.93 29.28
CA LEU C 113 15.06 0.76 28.32
C LEU C 113 16.10 -0.21 28.86
N PRO C 114 16.76 -0.99 28.01
CA PRO C 114 17.87 -1.80 28.48
C PRO C 114 19.05 -0.92 28.84
N PRO C 115 19.96 -1.40 29.68
CA PRO C 115 21.15 -0.59 30.01
C PRO C 115 22.04 -0.44 28.80
N LEU C 116 22.94 0.53 28.88
CA LEU C 116 23.89 0.73 27.78
C LEU C 116 24.77 -0.49 27.64
N TRP C 117 25.02 -0.87 26.39
CA TRP C 117 25.91 -1.99 26.10
C TRP C 117 27.30 -1.67 26.58
N GLN C 118 27.82 -2.46 27.48
CA GLN C 118 29.17 -2.24 27.98
C GLN C 118 30.14 -3.21 27.32
N PRO C 119 31.43 -2.86 27.31
CA PRO C 119 32.43 -3.81 26.78
C PRO C 119 32.39 -5.16 27.48
N GLU C 120 32.03 -5.20 28.77
CA GLU C 120 31.86 -6.47 29.46
C GLU C 120 30.80 -7.33 28.76
N ASP C 121 29.68 -6.71 28.37
CA ASP C 121 28.64 -7.43 27.64
C ASP C 121 29.20 -8.08 26.38
N GLU C 122 30.04 -7.34 25.64
CA GLU C 122 30.61 -7.89 24.41
C GLU C 122 31.49 -9.11 24.69
N HIS C 123 32.25 -9.06 25.78
CA HIS C 123 33.09 -10.19 26.17
C HIS C 123 32.24 -11.42 26.49
N HIS D 6 18.44 -19.06 21.56
CA HIS D 6 17.27 -18.45 22.19
C HIS D 6 16.26 -19.50 22.62
N HIS D 7 16.71 -20.76 22.65
CA HIS D 7 15.82 -21.89 22.91
C HIS D 7 14.58 -21.84 22.03
N HIS D 8 14.74 -21.25 20.83
CA HIS D 8 13.74 -21.29 19.76
C HIS D 8 12.46 -20.53 20.12
N MET D 9 12.60 -19.39 20.78
CA MET D 9 11.46 -18.55 21.12
C MET D 9 11.08 -17.64 19.94
N ILE D 10 9.86 -17.10 20.00
CA ILE D 10 9.31 -16.24 18.95
C ILE D 10 8.79 -14.95 19.58
N VAL D 11 8.65 -13.93 18.74
CA VAL D 11 8.07 -12.65 19.15
C VAL D 11 6.97 -12.31 18.17
N GLU D 12 5.78 -11.97 18.69
CA GLU D 12 4.69 -11.51 17.86
C GLU D 12 4.64 -9.98 17.96
N GLU D 13 4.65 -9.31 16.82
CA GLU D 13 4.47 -7.87 16.76
C GLU D 13 3.07 -7.58 16.28
N ARG D 14 2.29 -6.87 17.10
CA ARG D 14 0.95 -6.45 16.74
C ARG D 14 0.95 -4.93 16.49
N ILE D 15 0.31 -4.53 15.41
CA ILE D 15 0.31 -3.14 14.96
C ILE D 15 -1.15 -2.73 14.76
N TYR D 16 -1.62 -1.77 15.55
CA TYR D 16 -2.99 -1.33 15.46
C TYR D 16 -3.00 0.13 15.02
N ASP D 17 -3.73 0.41 13.96
CA ASP D 17 -4.01 1.78 13.56
C ASP D 17 -5.30 2.19 14.24
N LEU D 18 -5.29 3.37 14.87
CA LEU D 18 -6.40 3.85 15.69
C LEU D 18 -7.11 5.00 15.01
N ARG D 19 -8.30 5.31 15.49
CA ARG D 19 -8.95 6.52 15.00
C ARG D 19 -8.08 7.72 15.39
N PRO D 20 -8.15 8.80 14.62
CA PRO D 20 -7.25 9.95 14.87
C PRO D 20 -7.25 10.42 16.31
N ASN D 21 -6.05 10.65 16.85
CA ASN D 21 -5.84 11.17 18.22
C ASN D 21 -6.38 10.22 19.28
N GLY D 22 -6.44 8.94 18.95
CA GLY D 22 -6.97 7.93 19.84
C GLY D 22 -5.96 7.26 20.74
N ALA D 23 -4.68 7.45 20.50
CA ALA D 23 -3.70 6.64 21.23
C ALA D 23 -3.66 7.01 22.72
N ARG D 24 -3.86 8.29 23.06
CA ARG D 24 -3.85 8.69 24.47
C ARG D 24 -4.91 7.94 25.27
N GLU D 25 -6.13 7.83 24.73
CA GLU D 25 -7.17 7.10 25.46
C GLU D 25 -6.87 5.61 25.50
N PHE D 26 -6.47 5.04 24.38
CA PHE D 26 -6.03 3.65 24.34
C PHE D 26 -5.03 3.37 25.45
N ALA D 27 -4.04 4.26 25.59
CA ALA D 27 -3.00 4.04 26.58
C ALA D 27 -3.55 4.14 27.99
N GLN D 28 -4.48 5.08 28.22
CA GLN D 28 -5.11 5.22 29.53
C GLN D 28 -5.90 3.97 29.89
N HIS D 29 -6.66 3.41 28.95
CA HIS D 29 -7.46 2.23 29.27
C HIS D 29 -6.56 1.07 29.67
N PHE D 30 -5.42 0.90 28.98
CA PHE D 30 -4.52 -0.20 29.34
C PHE D 30 -3.79 0.08 30.64
N GLU D 31 -3.44 1.34 30.90
CA GLU D 31 -2.83 1.75 32.16
CA GLU D 31 -2.77 1.59 32.16
C GLU D 31 -3.71 1.39 33.34
N ARG D 32 -4.96 1.82 33.25
CA ARG D 32 -5.89 1.73 34.37
C ARG D 32 -6.45 0.32 34.54
N GLU D 33 -6.54 -0.44 33.46
CA GLU D 33 -7.33 -1.67 33.50
C GLU D 33 -6.78 -2.79 32.63
N GLY D 34 -6.46 -2.48 31.37
CA GLY D 34 -6.31 -3.55 30.38
C GLY D 34 -5.07 -4.39 30.56
N ILE D 35 -3.96 -3.78 30.96
CA ILE D 35 -2.71 -4.52 30.96
C ILE D 35 -2.67 -5.45 32.15
N ALA D 36 -3.39 -5.10 33.23
CA ALA D 36 -3.51 -6.00 34.36
C ALA D 36 -4.25 -7.28 33.98
N ILE D 37 -5.17 -7.20 33.01
CA ILE D 37 -5.85 -8.38 32.52
C ILE D 37 -4.95 -9.18 31.59
N GLN D 38 -4.32 -8.49 30.64
CA GLN D 38 -3.73 -9.15 29.48
C GLN D 38 -2.32 -9.68 29.75
N ARG D 39 -1.48 -8.90 30.45
CA ARG D 39 -0.07 -9.25 30.57
CA ARG D 39 -0.07 -9.23 30.59
C ARG D 39 0.16 -10.51 31.40
N PRO D 40 -0.57 -10.75 32.50
CA PRO D 40 -0.34 -12.01 33.21
C PRO D 40 -0.71 -13.25 32.38
N VAL D 41 -1.65 -13.13 31.45
CA VAL D 41 -2.11 -14.28 30.67
C VAL D 41 -1.17 -14.55 29.51
N LEU D 42 -0.78 -13.50 28.78
CA LEU D 42 0.10 -13.69 27.64
C LEU D 42 1.54 -13.94 28.07
N GLY D 43 2.01 -13.24 29.09
CA GLY D 43 3.27 -13.62 29.71
C GLY D 43 4.43 -12.66 29.65
N ARG D 44 4.81 -12.25 28.43
CA ARG D 44 6.11 -11.63 28.21
C ARG D 44 5.95 -10.43 27.30
N LEU D 45 5.64 -9.29 27.89
CA LEU D 45 5.57 -8.04 27.14
C LEU D 45 6.96 -7.49 26.92
N ILE D 46 7.37 -7.39 25.67
CA ILE D 46 8.67 -6.83 25.31
C ILE D 46 8.62 -5.32 25.20
N GLY D 47 7.49 -4.81 24.71
CA GLY D 47 7.27 -3.38 24.60
C GLY D 47 5.87 -3.06 24.15
N TYR D 48 5.36 -1.90 24.58
CA TYR D 48 4.06 -1.40 24.17
C TYR D 48 4.22 0.09 23.92
N PHE D 49 4.01 0.52 22.67
CA PHE D 49 4.39 1.85 22.23
C PHE D 49 3.23 2.51 21.48
N TYR D 50 3.29 3.84 21.36
CA TYR D 50 2.53 4.54 20.33
C TYR D 50 3.47 5.31 19.42
N THR D 51 3.05 5.55 18.19
CA THR D 51 3.93 6.24 17.24
C THR D 51 3.96 7.75 17.49
N ASP D 52 5.14 8.34 17.31
CA ASP D 52 5.27 9.79 17.29
C ASP D 52 5.74 10.31 15.94
N ILE D 53 6.58 9.56 15.24
CA ILE D 53 6.96 9.92 13.88
C ILE D 53 6.79 8.67 13.01
N GLY D 54 6.01 8.83 11.94
CA GLY D 54 5.75 7.75 11.00
C GLY D 54 4.27 7.66 10.74
N PRO D 55 3.74 6.45 10.73
CA PRO D 55 2.28 6.30 10.73
C PRO D 55 1.73 6.74 12.08
N LEU D 56 1.01 7.85 12.11
CA LEU D 56 0.51 8.35 13.38
C LEU D 56 -0.77 7.62 13.78
N ASN D 57 -1.12 7.77 15.07
CA ASN D 57 -2.28 7.10 15.68
C ASN D 57 -2.13 5.60 15.54
N GLN D 58 -0.99 5.11 15.97
CA GLN D 58 -0.66 3.71 15.81
C GLN D 58 -0.04 3.23 17.09
N VAL D 59 -0.45 2.05 17.53
CA VAL D 59 0.14 1.41 18.69
C VAL D 59 0.83 0.14 18.21
N VAL D 60 2.01 -0.10 18.75
CA VAL D 60 2.84 -1.24 18.39
C VAL D 60 3.20 -1.98 19.66
N HIS D 61 2.94 -3.29 19.70
CA HIS D 61 3.27 -4.06 20.88
C HIS D 61 3.88 -5.40 20.49
N LEU D 62 4.89 -5.82 21.24
CA LEU D 62 5.65 -7.04 20.97
C LEU D 62 5.53 -7.99 22.16
N TRP D 63 5.12 -9.22 21.87
CA TRP D 63 4.90 -10.25 22.88
C TRP D 63 5.78 -11.45 22.59
N GLY D 64 6.47 -11.92 23.62
CA GLY D 64 7.33 -13.10 23.50
C GLY D 64 6.58 -14.37 23.86
N TYR D 65 6.89 -15.43 23.11
CA TYR D 65 6.30 -16.75 23.34
C TYR D 65 7.37 -17.82 23.12
N GLU D 66 7.18 -18.97 23.75
CA GLU D 66 8.14 -20.04 23.52
C GLU D 66 8.02 -20.62 22.11
N ASP D 67 6.81 -20.67 21.55
CA ASP D 67 6.60 -21.07 20.17
C ASP D 67 5.18 -20.70 19.77
N LEU D 68 4.80 -21.08 18.54
CA LEU D 68 3.50 -20.68 18.03
C LEU D 68 2.38 -21.44 18.73
N GLU D 69 2.65 -22.65 19.20
CA GLU D 69 1.63 -23.39 19.94
C GLU D 69 1.40 -22.78 21.33
N ASP D 70 2.49 -22.37 22.00
CA ASP D 70 2.39 -21.64 23.24
C ASP D 70 1.57 -20.36 23.06
N ARG D 71 1.86 -19.62 21.98
CA ARG D 71 1.11 -18.39 21.68
C ARG D 71 -0.36 -18.67 21.47
N ALA D 72 -0.69 -19.72 20.73
CA ALA D 72 -2.10 -19.98 20.44
C ALA D 72 -2.86 -20.42 21.68
N ARG D 73 -2.20 -21.20 22.55
CA ARG D 73 -2.82 -21.61 23.80
C ARG D 73 -3.10 -20.40 24.70
N ARG D 74 -2.13 -19.50 24.85
CA ARG D 74 -2.32 -18.38 25.76
C ARG D 74 -3.31 -17.37 25.20
N ARG D 75 -3.27 -17.10 23.90
CA ARG D 75 -4.23 -16.16 23.31
C ARG D 75 -5.66 -16.71 23.38
N ALA D 76 -5.83 -18.03 23.20
CA ALA D 76 -7.14 -18.65 23.41
C ALA D 76 -7.64 -18.44 24.83
N ILE D 77 -6.77 -18.64 25.82
CA ILE D 77 -7.15 -18.40 27.22
C ILE D 77 -7.65 -16.97 27.39
N LEU D 78 -6.87 -16.01 26.88
CA LEU D 78 -7.23 -14.60 27.02
C LEU D 78 -8.59 -14.30 26.38
N LEU D 79 -8.80 -14.77 25.14
CA LEU D 79 -10.01 -14.43 24.41
C LEU D 79 -11.25 -15.05 25.03
N ALA D 80 -11.10 -16.16 25.74
CA ALA D 80 -12.26 -16.76 26.39
C ALA D 80 -12.69 -16.04 27.66
N MET D 81 -11.89 -15.10 28.17
CA MET D 81 -12.21 -14.46 29.44
C MET D 81 -13.25 -13.37 29.23
N PRO D 82 -14.40 -13.45 29.90
CA PRO D 82 -15.40 -12.38 29.75
C PRO D 82 -14.88 -11.02 30.15
N GLU D 83 -14.03 -10.95 31.18
CA GLU D 83 -13.49 -9.66 31.60
C GLU D 83 -12.69 -9.00 30.48
N TRP D 84 -11.89 -9.79 29.78
CA TRP D 84 -11.13 -9.25 28.64
C TRP D 84 -12.07 -8.84 27.52
N GLN D 85 -12.98 -9.74 27.11
CA GLN D 85 -13.88 -9.43 26.01
C GLN D 85 -14.64 -8.13 26.26
N GLU D 86 -15.13 -7.95 27.49
CA GLU D 86 -15.89 -6.75 27.79
C GLU D 86 -14.99 -5.52 27.91
N TYR D 87 -13.82 -5.66 28.54
CA TYR D 87 -12.86 -4.57 28.55
C TYR D 87 -12.58 -4.08 27.14
N VAL D 88 -12.28 -5.00 26.22
CA VAL D 88 -12.02 -4.61 24.85
C VAL D 88 -13.25 -3.97 24.23
N ARG D 89 -14.40 -4.63 24.37
CA ARG D 89 -15.60 -4.17 23.68
C ARG D 89 -15.95 -2.75 24.09
N LYS D 90 -15.94 -2.48 25.39
CA LYS D 90 -16.38 -1.19 25.89
C LYS D 90 -15.38 -0.08 25.57
N ASN D 91 -14.09 -0.35 25.74
CA ASN D 91 -13.09 0.72 25.80
C ASN D 91 -12.19 0.81 24.58
N ILE D 92 -11.79 -0.31 24.01
CA ILE D 92 -10.77 -0.32 22.97
C ILE D 92 -11.37 -0.40 21.57
N GLN D 93 -12.39 -1.23 21.41
CA GLN D 93 -13.04 -1.41 20.12
C GLN D 93 -13.42 -0.10 19.43
N PRO D 94 -14.02 0.90 20.11
CA PRO D 94 -14.33 2.15 19.41
C PRO D 94 -13.12 2.88 18.89
N LEU D 95 -11.92 2.53 19.36
CA LEU D 95 -10.72 3.24 18.94
C LEU D 95 -10.02 2.55 17.77
N LEU D 96 -10.36 1.29 17.50
CA LEU D 96 -9.68 0.51 16.47
C LEU D 96 -10.13 0.88 15.07
N VAL D 97 -9.17 0.91 14.15
CA VAL D 97 -9.43 1.09 12.71
C VAL D 97 -8.88 -0.07 11.91
N ARG D 98 -7.63 -0.44 12.14
CA ARG D 98 -7.03 -1.55 11.40
C ARG D 98 -6.04 -2.26 12.31
N MET D 99 -5.93 -3.58 12.13
CA MET D 99 -5.07 -4.43 12.95
C MET D 99 -4.26 -5.36 12.05
N GLN D 100 -2.99 -5.55 12.40
CA GLN D 100 -2.16 -6.52 11.71
CA GLN D 100 -2.08 -6.44 11.69
C GLN D 100 -1.14 -7.09 12.68
N ASN D 101 -0.58 -8.26 12.33
CA ASN D 101 0.49 -8.83 13.13
C ASN D 101 1.49 -9.56 12.23
N LYS D 102 2.68 -9.78 12.82
CA LYS D 102 3.72 -10.57 12.19
C LYS D 102 4.41 -11.37 13.29
N ILE D 103 5.06 -12.47 12.89
CA ILE D 103 5.84 -13.29 13.81
C ILE D 103 7.31 -13.03 13.51
N LEU D 104 8.07 -12.69 14.54
CA LEU D 104 9.47 -12.33 14.42
C LEU D 104 10.34 -13.38 15.10
N LEU D 105 11.45 -13.73 14.48
CA LEU D 105 12.39 -14.62 15.13
C LEU D 105 13.63 -13.84 15.56
N PRO D 106 14.09 -13.98 16.79
CA PRO D 106 15.27 -13.23 17.23
C PRO D 106 16.56 -13.73 16.57
N MET D 107 17.41 -12.78 16.20
CA MET D 107 18.76 -13.13 15.82
C MET D 107 19.57 -13.55 17.06
N SER D 108 20.70 -14.22 16.82
CA SER D 108 21.42 -14.88 17.90
C SER D 108 21.92 -13.91 18.96
N PHE D 109 22.24 -12.68 18.57
CA PHE D 109 22.67 -11.65 19.49
C PHE D 109 21.52 -10.85 20.11
N SER D 110 20.28 -11.06 19.65
CA SER D 110 19.17 -10.31 20.22
C SER D 110 18.93 -10.73 21.68
N PRO D 111 18.44 -9.82 22.52
CA PRO D 111 18.30 -10.13 23.94
C PRO D 111 17.41 -11.33 24.16
N PRO D 112 17.59 -12.04 25.28
CA PRO D 112 16.64 -13.09 25.63
C PRO D 112 15.29 -12.50 25.93
N LEU D 113 14.26 -13.29 25.69
CA LEU D 113 12.91 -12.82 25.92
C LEU D 113 12.64 -12.77 27.43
N PRO D 114 11.82 -11.83 27.88
CA PRO D 114 11.64 -11.62 29.33
C PRO D 114 11.14 -12.88 30.04
N PRO D 115 11.33 -12.96 31.35
CA PRO D 115 10.64 -14.01 32.11
C PRO D 115 9.14 -13.77 32.14
N LEU D 116 8.41 -14.80 32.54
CA LEU D 116 6.96 -14.66 32.61
C LEU D 116 6.57 -13.64 33.66
N TRP D 117 5.54 -12.86 33.35
CA TRP D 117 4.98 -11.93 34.32
C TRP D 117 4.41 -12.70 35.50
N GLN D 118 4.86 -12.34 36.71
CA GLN D 118 4.42 -12.97 37.95
C GLN D 118 3.47 -12.05 38.73
N PRO D 119 2.66 -12.60 39.64
CA PRO D 119 1.76 -11.73 40.41
C PRO D 119 2.49 -10.70 41.26
N GLU D 120 3.71 -10.99 41.71
CA GLU D 120 4.48 -9.98 42.44
C GLU D 120 4.78 -8.77 41.56
N ASP D 121 4.93 -8.99 40.24
CA ASP D 121 5.12 -7.87 39.33
C ASP D 121 3.86 -7.02 39.23
N GLU D 122 2.69 -7.66 39.26
CA GLU D 122 1.44 -6.91 39.23
C GLU D 122 1.30 -6.04 40.47
N HIS D 123 1.75 -6.54 41.63
CA HIS D 123 1.62 -5.80 42.88
C HIS D 123 2.71 -4.75 43.08
N ALA D 124 3.82 -4.85 42.36
CA ALA D 124 4.87 -3.83 42.44
C ALA D 124 4.51 -2.64 41.55
N HIS E 6 -12.50 -27.55 13.94
CA HIS E 6 -11.76 -28.22 12.88
C HIS E 6 -10.54 -28.96 13.41
N HIS E 7 -10.53 -29.23 14.72
CA HIS E 7 -9.42 -29.90 15.39
C HIS E 7 -8.09 -29.14 15.18
N HIS E 8 -8.16 -27.81 15.32
CA HIS E 8 -6.99 -26.92 15.29
C HIS E 8 -6.26 -26.93 13.95
N MET E 9 -6.94 -27.33 12.87
CA MET E 9 -6.37 -27.27 11.53
C MET E 9 -6.07 -25.83 11.13
N ILE E 10 -4.95 -25.62 10.47
CA ILE E 10 -4.56 -24.31 9.98
C ILE E 10 -4.21 -24.40 8.51
N VAL E 11 -4.31 -23.26 7.82
CA VAL E 11 -3.96 -23.16 6.40
C VAL E 11 -2.97 -22.02 6.24
N GLU E 12 -1.85 -22.27 5.58
CA GLU E 12 -0.91 -21.20 5.27
C GLU E 12 -1.12 -20.78 3.83
N GLU E 13 -1.40 -19.49 3.62
CA GLU E 13 -1.44 -18.91 2.28
C GLU E 13 -0.10 -18.22 2.04
N ARG E 14 0.57 -18.59 0.95
CA ARG E 14 1.83 -17.95 0.57
C ARG E 14 1.61 -17.24 -0.75
N ILE E 15 2.06 -16.00 -0.82
CA ILE E 15 1.80 -15.11 -1.95
C ILE E 15 3.16 -14.57 -2.40
N TYR E 16 3.62 -14.99 -3.58
CA TYR E 16 4.90 -14.53 -4.11
C TYR E 16 4.68 -13.62 -5.30
N ASP E 17 5.29 -12.45 -5.26
CA ASP E 17 5.32 -11.57 -6.42
C ASP E 17 6.59 -11.86 -7.20
N LEU E 18 6.45 -12.04 -8.51
CA LEU E 18 7.54 -12.47 -9.38
C LEU E 18 7.99 -11.35 -10.29
N ARG E 19 9.19 -11.54 -10.89
CA ARG E 19 9.66 -10.71 -11.98
C ARG E 19 8.57 -10.67 -13.05
N PRO E 20 8.39 -9.56 -13.77
CA PRO E 20 7.35 -9.52 -14.81
C PRO E 20 7.46 -10.67 -15.81
N ASN E 21 6.31 -11.30 -16.06
CA ASN E 21 6.18 -12.45 -16.96
C ASN E 21 6.99 -13.65 -16.49
N GLY E 22 7.28 -13.71 -15.19
CA GLY E 22 8.00 -14.84 -14.63
C GLY E 22 7.14 -16.02 -14.22
N ALA E 23 5.81 -15.89 -14.18
CA ALA E 23 5.01 -17.00 -13.67
C ALA E 23 5.10 -18.24 -14.56
N ARG E 24 5.25 -18.05 -15.88
CA ARG E 24 5.31 -19.20 -16.78
C ARG E 24 6.49 -20.10 -16.44
N GLU E 25 7.68 -19.51 -16.31
CA GLU E 25 8.85 -20.30 -15.94
C GLU E 25 8.70 -20.90 -14.54
N PHE E 26 8.17 -20.11 -13.60
CA PHE E 26 7.91 -20.60 -12.24
C PHE E 26 7.06 -21.86 -12.28
N ALA E 27 5.93 -21.80 -12.99
CA ALA E 27 5.05 -22.96 -13.14
C ALA E 27 5.77 -24.12 -13.81
N GLN E 28 6.53 -23.85 -14.86
CA GLN E 28 7.30 -24.89 -15.52
C GLN E 28 8.23 -25.60 -14.54
N HIS E 29 8.95 -24.82 -13.73
CA HIS E 29 9.92 -25.44 -12.84
C HIS E 29 9.22 -26.33 -11.83
N PHE E 30 8.06 -25.87 -11.32
CA PHE E 30 7.37 -26.63 -10.29
C PHE E 30 6.70 -27.88 -10.86
N GLU E 31 6.08 -27.76 -12.04
CA GLU E 31 5.45 -28.96 -12.59
C GLU E 31 6.48 -29.98 -13.02
N ARG E 32 7.62 -29.53 -13.55
CA ARG E 32 8.63 -30.47 -14.02
C ARG E 32 9.45 -31.06 -12.88
N GLU E 33 9.63 -30.34 -11.78
CA GLU E 33 10.64 -30.74 -10.81
C GLU E 33 10.25 -30.40 -9.37
N GLY E 34 9.83 -29.15 -9.12
CA GLY E 34 9.75 -28.68 -7.75
C GLY E 34 8.64 -29.28 -6.92
N ILE E 35 7.49 -29.56 -7.52
CA ILE E 35 6.37 -30.02 -6.70
C ILE E 35 6.60 -31.46 -6.26
N ALA E 36 7.33 -32.25 -7.07
CA ALA E 36 7.67 -33.61 -6.66
C ALA E 36 8.54 -33.61 -5.42
N ILE E 37 9.31 -32.54 -5.21
CA ILE E 37 10.07 -32.40 -3.98
C ILE E 37 9.18 -31.94 -2.84
N GLN E 38 8.41 -30.87 -3.08
CA GLN E 38 7.80 -30.13 -1.99
C GLN E 38 6.51 -30.77 -1.49
N ARG E 39 5.65 -31.22 -2.39
CA ARG E 39 4.35 -31.72 -1.95
CA ARG E 39 4.34 -31.74 -1.98
C ARG E 39 4.43 -32.93 -1.03
N PRO E 40 5.28 -33.93 -1.26
CA PRO E 40 5.29 -35.06 -0.31
C PRO E 40 5.72 -34.67 1.08
N VAL E 41 6.58 -33.66 1.22
CA VAL E 41 7.07 -33.26 2.53
C VAL E 41 6.02 -32.44 3.27
N LEU E 42 5.47 -31.43 2.58
CA LEU E 42 4.51 -30.54 3.24
C LEU E 42 3.17 -31.24 3.45
N GLY E 43 2.70 -32.00 2.46
CA GLY E 43 1.60 -32.90 2.75
C GLY E 43 0.28 -32.62 2.06
N ARG E 44 -0.24 -31.39 2.20
CA ARG E 44 -1.63 -31.10 1.88
C ARG E 44 -1.73 -29.81 1.06
N LEU E 45 -1.50 -29.93 -0.25
CA LEU E 45 -1.71 -28.80 -1.15
C LEU E 45 -3.21 -28.59 -1.36
N ILE E 46 -3.70 -27.40 -1.00
CA ILE E 46 -5.08 -27.02 -1.28
C ILE E 46 -5.21 -26.39 -2.67
N GLY E 47 -4.22 -25.62 -3.10
CA GLY E 47 -4.27 -24.96 -4.39
C GLY E 47 -2.98 -24.25 -4.68
N TYR E 48 -2.56 -24.25 -5.95
CA TYR E 48 -1.35 -23.54 -6.39
C TYR E 48 -1.70 -22.83 -7.69
N PHE E 49 -1.65 -21.51 -7.67
CA PHE E 49 -2.23 -20.72 -8.74
C PHE E 49 -1.27 -19.62 -9.18
N TYR E 50 -1.54 -19.07 -10.35
CA TYR E 50 -1.00 -17.76 -10.70
C TYR E 50 -2.14 -16.81 -11.04
N THR E 51 -1.90 -15.52 -10.87
CA THR E 51 -2.97 -14.55 -11.11
C THR E 51 -3.18 -14.29 -12.60
N ASP E 52 -4.44 -14.13 -12.98
CA ASP E 52 -4.80 -13.59 -14.28
C ASP E 52 -5.49 -12.25 -14.20
N ILE E 53 -6.20 -11.97 -13.11
CA ILE E 53 -6.81 -10.66 -12.91
C ILE E 53 -6.56 -10.24 -11.47
N GLY E 54 -5.96 -9.07 -11.31
CA GLY E 54 -5.56 -8.59 -10.02
C GLY E 54 -4.12 -8.12 -10.01
N PRO E 55 -3.39 -8.39 -8.92
CA PRO E 55 -1.93 -8.20 -8.97
C PRO E 55 -1.34 -9.27 -9.88
N LEU E 56 -0.72 -8.84 -10.97
CA LEU E 56 -0.20 -9.78 -11.95
C LEU E 56 1.22 -10.24 -11.55
N ASN E 57 1.70 -11.27 -12.25
CA ASN E 57 3.01 -11.87 -11.96
C ASN E 57 3.06 -12.35 -10.51
N GLN E 58 1.99 -13.01 -10.07
CA GLN E 58 1.85 -13.35 -8.66
C GLN E 58 1.44 -14.81 -8.58
N VAL E 59 2.09 -15.55 -7.71
CA VAL E 59 1.70 -16.93 -7.47
C VAL E 59 1.13 -17.01 -6.05
N VAL E 60 0.07 -17.80 -5.92
CA VAL E 60 -0.68 -17.93 -4.68
C VAL E 60 -0.82 -19.42 -4.38
N HIS E 61 -0.33 -19.86 -3.23
CA HIS E 61 -0.44 -21.28 -2.90
C HIS E 61 -0.87 -21.47 -1.45
N LEU E 62 -1.75 -22.43 -1.22
CA LEU E 62 -2.33 -22.69 0.10
C LEU E 62 -2.00 -24.11 0.51
N TRP E 63 -1.42 -24.26 1.69
CA TRP E 63 -1.04 -25.53 2.28
C TRP E 63 -1.78 -25.76 3.60
N GLY E 64 -2.31 -26.97 3.77
CA GLY E 64 -3.06 -27.32 4.97
C GLY E 64 -2.21 -28.14 5.93
N TYR E 65 -2.41 -27.88 7.24
CA TYR E 65 -1.67 -28.55 8.29
C TYR E 65 -2.66 -28.90 9.40
N GLU E 66 -2.36 -29.97 10.12
CA GLU E 66 -3.27 -30.39 11.19
C GLU E 66 -3.19 -29.44 12.37
N ASP E 67 -2.06 -28.77 12.54
CA ASP E 67 -1.84 -27.84 13.64
C ASP E 67 -0.47 -27.19 13.48
N LEU E 68 -0.15 -26.26 14.38
CA LEU E 68 1.06 -25.46 14.25
C LEU E 68 2.32 -26.30 14.38
N GLU E 69 2.32 -27.28 15.31
CA GLU E 69 3.45 -28.20 15.44
C GLU E 69 3.72 -28.93 14.12
N ASP E 70 2.64 -29.43 13.49
CA ASP E 70 2.73 -30.16 12.22
C ASP E 70 3.37 -29.31 11.14
N ARG E 71 2.93 -28.07 11.01
CA ARG E 71 3.48 -27.18 10.01
C ARG E 71 4.96 -26.92 10.26
N ALA E 72 5.33 -26.64 11.50
CA ALA E 72 6.72 -26.39 11.85
C ALA E 72 7.59 -27.61 11.56
N ARG E 73 7.09 -28.81 11.87
CA ARG E 73 7.90 -29.99 11.67
C ARG E 73 8.10 -30.25 10.19
N ARG E 74 7.03 -30.16 9.41
CA ARG E 74 7.14 -30.47 7.99
C ARG E 74 7.97 -29.41 7.27
N ARG E 75 7.78 -28.14 7.61
CA ARG E 75 8.57 -27.10 6.96
C ARG E 75 10.04 -27.18 7.34
N ALA E 76 10.35 -27.58 8.57
CA ALA E 76 11.76 -27.72 8.95
C ALA E 76 12.44 -28.82 8.13
N ILE E 77 11.75 -29.94 7.93
CA ILE E 77 12.27 -31.02 7.10
C ILE E 77 12.53 -30.53 5.68
N LEU E 78 11.58 -29.77 5.11
CA LEU E 78 11.75 -29.30 3.74
C LEU E 78 12.96 -28.37 3.63
N LEU E 79 13.04 -27.38 4.51
CA LEU E 79 14.14 -26.40 4.46
C LEU E 79 15.50 -27.06 4.62
N ALA E 80 15.57 -28.18 5.34
CA ALA E 80 16.85 -28.85 5.54
C ALA E 80 17.28 -29.67 4.33
N MET E 81 16.38 -29.97 3.40
CA MET E 81 16.71 -30.86 2.29
C MET E 81 17.68 -30.20 1.32
N PRO E 82 18.84 -30.80 1.05
CA PRO E 82 19.75 -30.21 0.04
C PRO E 82 19.14 -30.13 -1.33
N GLU E 83 18.30 -31.09 -1.71
CA GLU E 83 17.68 -31.06 -3.03
C GLU E 83 16.75 -29.87 -3.17
N TRP E 84 15.98 -29.58 -2.12
CA TRP E 84 15.10 -28.42 -2.15
C TRP E 84 15.90 -27.12 -2.21
N GLN E 85 16.91 -26.99 -1.35
CA GLN E 85 17.70 -25.75 -1.34
C GLN E 85 18.31 -25.49 -2.71
N GLU E 86 18.86 -26.54 -3.35
CA GLU E 86 19.45 -26.35 -4.67
C GLU E 86 18.40 -25.99 -5.72
N TYR E 87 17.24 -26.66 -5.69
CA TYR E 87 16.19 -26.36 -6.65
C TYR E 87 15.75 -24.90 -6.56
N VAL E 88 15.56 -24.40 -5.33
CA VAL E 88 15.14 -23.02 -5.16
C VAL E 88 16.21 -22.06 -5.66
N ARG E 89 17.47 -22.31 -5.28
CA ARG E 89 18.57 -21.42 -5.65
C ARG E 89 18.74 -21.35 -7.16
N LYS E 90 18.72 -22.52 -7.82
CA LYS E 90 18.97 -22.54 -9.25
CA LYS E 90 18.97 -22.56 -9.25
C LYS E 90 17.80 -21.97 -10.04
N ASN E 91 16.57 -22.34 -9.69
CA ASN E 91 15.45 -22.12 -10.58
C ASN E 91 14.44 -21.08 -10.14
N ILE E 92 14.17 -20.95 -8.84
CA ILE E 92 13.09 -20.09 -8.36
C ILE E 92 13.61 -18.76 -7.84
N GLN E 93 14.70 -18.80 -7.08
CA GLN E 93 15.32 -17.59 -6.53
C GLN E 93 15.43 -16.45 -7.54
N PRO E 94 15.90 -16.66 -8.78
CA PRO E 94 16.01 -15.53 -9.72
C PRO E 94 14.68 -14.93 -10.16
N LEU E 95 13.55 -15.59 -9.89
CA LEU E 95 12.25 -15.09 -10.32
C LEU E 95 11.53 -14.33 -9.22
N LEU E 96 12.05 -14.37 -8.00
CA LEU E 96 11.36 -13.80 -6.85
C LEU E 96 11.63 -12.31 -6.71
N VAL E 97 10.57 -11.56 -6.35
CA VAL E 97 10.66 -10.15 -6.02
C VAL E 97 10.22 -9.88 -4.59
N ARG E 98 9.13 -10.50 -4.16
CA ARG E 98 8.56 -10.26 -2.84
C ARG E 98 7.78 -11.47 -2.39
N MET E 99 7.83 -11.76 -1.10
CA MET E 99 7.13 -12.90 -0.54
C MET E 99 6.37 -12.46 0.70
N GLN E 100 5.14 -12.97 0.84
CA GLN E 100 4.32 -12.78 2.04
CA GLN E 100 4.31 -12.76 2.03
C GLN E 100 3.61 -14.07 2.39
N ASN E 101 3.28 -14.24 3.68
CA ASN E 101 2.40 -15.34 4.06
C ASN E 101 1.41 -14.88 5.12
N LYS E 102 0.35 -15.67 5.24
CA LYS E 102 -0.73 -15.50 6.20
C LYS E 102 -1.06 -16.85 6.78
N ILE E 103 -1.49 -16.86 8.04
CA ILE E 103 -2.02 -18.07 8.67
C ILE E 103 -3.52 -17.92 8.74
N LEU E 104 -4.22 -18.83 8.07
CA LEU E 104 -5.67 -18.80 7.92
C LEU E 104 -6.30 -19.86 8.80
N LEU E 105 -7.47 -19.55 9.39
CA LEU E 105 -8.20 -20.53 10.16
C LEU E 105 -9.53 -20.81 9.47
N PRO E 106 -9.90 -22.08 9.27
CA PRO E 106 -11.13 -22.37 8.52
C PRO E 106 -12.37 -22.06 9.35
N MET E 107 -13.36 -21.46 8.70
CA MET E 107 -14.66 -21.43 9.33
C MET E 107 -15.24 -22.86 9.44
N SER E 108 -16.30 -23.00 10.23
CA SER E 108 -16.83 -24.32 10.56
C SER E 108 -17.32 -25.07 9.33
N PHE E 109 -17.84 -24.35 8.33
CA PHE E 109 -18.39 -24.93 7.12
C PHE E 109 -17.36 -25.10 6.00
N SER E 110 -16.11 -24.67 6.21
CA SER E 110 -15.07 -24.82 5.19
C SER E 110 -14.65 -26.30 5.08
N PRO E 111 -14.22 -26.73 3.89
CA PRO E 111 -13.90 -28.16 3.68
C PRO E 111 -12.81 -28.63 4.62
N PRO E 112 -12.77 -29.93 4.89
CA PRO E 112 -11.67 -30.49 5.69
C PRO E 112 -10.37 -30.52 4.90
N LEU E 113 -9.29 -30.87 5.61
CA LEU E 113 -7.98 -30.89 5.00
C LEU E 113 -7.93 -31.88 3.84
N PRO E 114 -7.18 -31.57 2.78
CA PRO E 114 -6.88 -32.59 1.79
C PRO E 114 -6.17 -33.76 2.45
N PRO E 115 -6.37 -34.97 1.96
CA PRO E 115 -5.59 -36.09 2.49
C PRO E 115 -4.13 -35.91 2.17
N LEU E 116 -3.27 -36.52 3.00
CA LEU E 116 -1.83 -36.48 2.75
C LEU E 116 -1.49 -37.04 1.38
N TRP E 117 -0.60 -36.34 0.66
CA TRP E 117 -0.13 -36.81 -0.64
C TRP E 117 0.67 -38.09 -0.46
N GLN E 118 0.39 -39.08 -1.30
CA GLN E 118 0.99 -40.40 -1.19
C GLN E 118 1.84 -40.72 -2.42
N PRO E 119 2.74 -41.70 -2.33
CA PRO E 119 3.47 -42.10 -3.55
C PRO E 119 2.56 -42.54 -4.68
N GLU E 120 1.45 -43.22 -4.35
CA GLU E 120 0.48 -43.59 -5.37
C GLU E 120 -0.03 -42.38 -6.13
N ASP E 121 -0.04 -41.21 -5.50
CA ASP E 121 -0.40 -39.99 -6.20
C ASP E 121 0.72 -39.52 -7.12
N GLU E 122 1.97 -39.59 -6.65
CA GLU E 122 3.10 -39.11 -7.44
C GLU E 122 3.30 -39.94 -8.70
N HIS E 123 3.05 -41.24 -8.62
CA HIS E 123 3.39 -42.14 -9.72
C HIS E 123 2.47 -41.93 -10.92
N ALA E 124 1.21 -41.64 -10.69
CA ALA E 124 0.23 -41.51 -11.76
C ALA E 124 -0.06 -40.06 -12.12
N ARG E 125 0.82 -39.13 -11.74
CA ARG E 125 0.64 -37.71 -12.04
C ARG E 125 0.39 -37.45 -13.51
N HIS F 8 -9.96 -25.36 -18.29
CA HIS F 8 -10.43 -23.98 -18.31
C HIS F 8 -10.92 -23.55 -16.93
N MET F 9 -10.65 -24.37 -15.92
CA MET F 9 -11.04 -24.07 -14.55
C MET F 9 -10.41 -22.77 -14.08
N ILE F 10 -11.20 -21.96 -13.37
CA ILE F 10 -10.71 -20.75 -12.73
C ILE F 10 -11.12 -20.77 -11.27
N VAL F 11 -10.35 -20.08 -10.42
CA VAL F 11 -10.69 -19.95 -9.02
C VAL F 11 -10.76 -18.46 -8.71
N GLU F 12 -11.85 -18.03 -8.08
CA GLU F 12 -11.96 -16.65 -7.64
C GLU F 12 -11.60 -16.59 -6.16
N GLU F 13 -10.63 -15.74 -5.83
CA GLU F 13 -10.27 -15.50 -4.45
C GLU F 13 -10.88 -14.17 -4.06
N ARG F 14 -11.64 -14.16 -2.97
CA ARG F 14 -12.26 -12.94 -2.44
C ARG F 14 -11.68 -12.68 -1.07
N ILE F 15 -11.27 -11.43 -0.84
CA ILE F 15 -10.59 -11.02 0.38
C ILE F 15 -11.38 -9.85 0.95
N TYR F 16 -11.98 -10.04 2.13
CA TYR F 16 -12.80 -8.99 2.73
C TYR F 16 -12.13 -8.53 4.00
N ASP F 17 -11.92 -7.23 4.11
CA ASP F 17 -11.45 -6.63 5.36
C ASP F 17 -12.66 -6.15 6.14
N LEU F 18 -12.76 -6.57 7.40
CA LEU F 18 -13.93 -6.31 8.22
C LEU F 18 -13.61 -5.27 9.30
N ARG F 19 -14.67 -4.76 9.92
CA ARG F 19 -14.46 -3.85 11.04
C ARG F 19 -13.78 -4.64 12.15
N PRO F 20 -12.98 -3.99 12.99
CA PRO F 20 -12.17 -4.72 13.98
C PRO F 20 -13.03 -5.67 14.82
N ASN F 21 -12.53 -6.89 14.99
CA ASN F 21 -13.16 -7.96 15.75
C ASN F 21 -14.50 -8.41 15.14
N GLY F 22 -14.69 -8.18 13.84
CA GLY F 22 -15.95 -8.52 13.22
C GLY F 22 -16.07 -9.90 12.63
N ALA F 23 -14.97 -10.65 12.52
CA ALA F 23 -15.01 -11.96 11.88
C ALA F 23 -15.86 -12.96 12.65
N ARG F 24 -15.90 -12.86 13.97
CA ARG F 24 -16.69 -13.79 14.78
C ARG F 24 -18.16 -13.73 14.37
N GLU F 25 -18.72 -12.51 14.36
CA GLU F 25 -20.10 -12.35 13.93
C GLU F 25 -20.27 -12.75 12.48
N PHE F 26 -19.31 -12.39 11.63
CA PHE F 26 -19.35 -12.72 10.21
C PHE F 26 -19.53 -14.23 10.02
N ALA F 27 -18.66 -15.03 10.64
CA ALA F 27 -18.77 -16.48 10.47
C ALA F 27 -20.05 -17.02 11.10
N GLN F 28 -20.48 -16.45 12.24
CA GLN F 28 -21.72 -16.90 12.85
C GLN F 28 -22.90 -16.72 11.89
N HIS F 29 -22.96 -15.58 11.20
CA HIS F 29 -24.03 -15.36 10.23
C HIS F 29 -23.96 -16.38 9.10
N PHE F 30 -22.76 -16.65 8.61
CA PHE F 30 -22.66 -17.60 7.50
C PHE F 30 -22.94 -19.02 7.94
N GLU F 31 -22.57 -19.40 9.16
CA GLU F 31 -22.94 -20.73 9.67
CA GLU F 31 -22.94 -20.74 9.58
C GLU F 31 -24.44 -20.85 9.84
N ARG F 32 -25.05 -19.83 10.45
CA ARG F 32 -26.47 -19.92 10.78
C ARG F 32 -27.36 -19.85 9.54
N GLU F 33 -26.93 -19.14 8.50
CA GLU F 33 -27.84 -18.71 7.44
C GLU F 33 -27.13 -18.60 6.10
N GLY F 34 -25.95 -17.97 6.11
CA GLY F 34 -25.38 -17.47 4.87
C GLY F 34 -24.93 -18.54 3.91
N ILE F 35 -24.19 -19.54 4.40
CA ILE F 35 -23.57 -20.48 3.48
C ILE F 35 -24.62 -21.42 2.88
N ALA F 36 -25.72 -21.65 3.61
CA ALA F 36 -26.82 -22.43 3.04
C ALA F 36 -27.43 -21.75 1.83
N ILE F 37 -27.34 -20.42 1.77
CA ILE F 37 -27.83 -19.70 0.60
C ILE F 37 -26.81 -19.73 -0.52
N GLN F 38 -25.57 -19.39 -0.19
CA GLN F 38 -24.57 -19.05 -1.21
C GLN F 38 -23.95 -20.30 -1.84
N ARG F 39 -23.57 -21.26 -1.01
CA ARG F 39 -22.80 -22.41 -1.49
CA ARG F 39 -22.79 -22.40 -1.52
C ARG F 39 -23.57 -23.25 -2.51
N PRO F 40 -24.87 -23.54 -2.31
CA PRO F 40 -25.59 -24.28 -3.35
C PRO F 40 -25.63 -23.57 -4.69
N VAL F 41 -25.62 -22.24 -4.68
CA VAL F 41 -25.72 -21.47 -5.92
C VAL F 41 -24.37 -21.42 -6.63
N LEU F 42 -23.31 -21.08 -5.89
CA LEU F 42 -22.00 -20.89 -6.52
C LEU F 42 -21.31 -22.22 -6.79
N GLY F 43 -21.49 -23.21 -5.92
CA GLY F 43 -21.21 -24.59 -6.31
C GLY F 43 -20.00 -25.27 -5.72
N ARG F 44 -18.82 -24.60 -5.74
CA ARG F 44 -17.55 -25.24 -5.40
C ARG F 44 -16.73 -24.37 -4.44
N LEU F 45 -17.04 -24.45 -3.16
CA LEU F 45 -16.23 -23.79 -2.14
C LEU F 45 -14.91 -24.53 -1.96
N ILE F 46 -13.81 -23.81 -2.04
CA ILE F 46 -12.49 -24.43 -1.91
C ILE F 46 -12.03 -24.20 -0.47
N GLY F 47 -12.38 -23.04 0.07
CA GLY F 47 -12.06 -22.72 1.44
C GLY F 47 -12.66 -21.39 1.84
N TYR F 48 -13.01 -21.28 3.12
CA TYR F 48 -13.52 -20.03 3.69
C TYR F 48 -12.83 -19.83 5.03
N PHE F 49 -12.02 -18.77 5.14
CA PHE F 49 -11.12 -18.63 6.28
C PHE F 49 -11.21 -17.24 6.88
N TYR F 50 -10.62 -17.11 8.06
CA TYR F 50 -10.26 -15.82 8.62
C TYR F 50 -8.81 -15.86 9.07
N THR F 51 -8.22 -14.67 9.18
CA THR F 51 -6.80 -14.55 9.44
C THR F 51 -6.51 -14.58 10.93
N ASP F 52 -5.45 -15.31 11.28
CA ASP F 52 -4.88 -15.22 12.61
C ASP F 52 -3.54 -14.50 12.62
N ILE F 53 -2.76 -14.61 11.54
CA ILE F 53 -1.48 -13.93 11.42
C ILE F 53 -1.41 -13.33 10.02
N GLY F 54 -1.13 -12.04 9.96
CA GLY F 54 -1.11 -11.30 8.72
C GLY F 54 -2.03 -10.11 8.88
N PRO F 55 -2.76 -9.76 7.82
CA PRO F 55 -3.80 -8.72 7.95
C PRO F 55 -4.98 -9.27 8.74
N LEU F 56 -5.22 -8.68 9.90
CA LEU F 56 -6.24 -9.16 10.83
C LEU F 56 -7.61 -8.60 10.46
N ASN F 57 -8.66 -9.20 11.03
CA ASN F 57 -10.05 -8.91 10.68
C ASN F 57 -10.28 -9.06 9.18
N GLN F 58 -9.77 -10.14 8.63
CA GLN F 58 -9.86 -10.43 7.22
C GLN F 58 -10.43 -11.82 7.00
N VAL F 59 -11.36 -11.93 6.08
CA VAL F 59 -11.84 -13.22 5.65
C VAL F 59 -11.43 -13.44 4.20
N VAL F 60 -11.10 -14.69 3.88
CA VAL F 60 -10.51 -15.10 2.61
C VAL F 60 -11.31 -16.31 2.15
N HIS F 61 -11.93 -16.20 0.98
CA HIS F 61 -12.69 -17.33 0.46
C HIS F 61 -12.37 -17.58 -1.00
N LEU F 62 -12.23 -18.84 -1.34
CA LEU F 62 -11.92 -19.25 -2.69
C LEU F 62 -13.07 -20.11 -3.22
N TRP F 63 -13.53 -19.77 -4.43
CA TRP F 63 -14.64 -20.45 -5.08
C TRP F 63 -14.18 -20.91 -6.46
N GLY F 64 -14.46 -22.16 -6.80
CA GLY F 64 -14.04 -22.74 -8.06
C GLY F 64 -15.16 -22.72 -9.09
N TYR F 65 -14.78 -22.49 -10.34
CA TYR F 65 -15.73 -22.46 -11.44
C TYR F 65 -15.14 -23.22 -12.62
N GLU F 66 -16.01 -23.88 -13.39
CA GLU F 66 -15.55 -24.62 -14.55
C GLU F 66 -14.95 -23.69 -15.58
N ASP F 67 -15.49 -22.49 -15.71
CA ASP F 67 -15.00 -21.51 -16.67
C ASP F 67 -15.54 -20.14 -16.28
N LEU F 68 -15.22 -19.14 -17.10
CA LEU F 68 -15.66 -17.77 -16.82
C LEU F 68 -17.17 -17.64 -16.96
N GLU F 69 -17.76 -18.27 -17.98
CA GLU F 69 -19.21 -18.16 -18.17
C GLU F 69 -19.96 -18.89 -17.06
N ASP F 70 -19.43 -20.01 -16.58
CA ASP F 70 -20.01 -20.68 -15.41
C ASP F 70 -20.03 -19.76 -14.20
N ARG F 71 -18.93 -19.06 -13.97
CA ARG F 71 -18.89 -18.08 -12.89
C ARG F 71 -19.93 -16.98 -13.12
N ALA F 72 -20.00 -16.46 -14.35
CA ALA F 72 -20.89 -15.36 -14.63
C ALA F 72 -22.35 -15.76 -14.40
N ARG F 73 -22.74 -16.92 -14.90
CA ARG F 73 -24.13 -17.35 -14.74
C ARG F 73 -24.47 -17.57 -13.26
N ARG F 74 -23.59 -18.24 -12.52
CA ARG F 74 -23.91 -18.60 -11.14
C ARG F 74 -23.91 -17.38 -10.24
N ARG F 75 -22.98 -16.45 -10.46
CA ARG F 75 -22.99 -15.23 -9.65
C ARG F 75 -24.22 -14.38 -9.97
N ALA F 76 -24.64 -14.35 -11.24
CA ALA F 76 -25.84 -13.60 -11.60
C ALA F 76 -27.09 -14.18 -10.92
N ILE F 77 -27.19 -15.51 -10.82
CA ILE F 77 -28.31 -16.10 -10.11
C ILE F 77 -28.29 -15.68 -8.64
N LEU F 78 -27.16 -15.92 -7.96
CA LEU F 78 -27.01 -15.56 -6.56
C LEU F 78 -27.43 -14.11 -6.29
N LEU F 79 -26.88 -13.17 -7.05
CA LEU F 79 -27.10 -11.76 -6.75
C LEU F 79 -28.53 -11.32 -7.03
N ALA F 80 -29.25 -12.06 -7.87
CA ALA F 80 -30.66 -11.78 -8.14
C ALA F 80 -31.59 -12.35 -7.09
N MET F 81 -31.09 -13.17 -6.18
CA MET F 81 -31.95 -13.78 -5.16
C MET F 81 -32.26 -12.77 -4.07
N PRO F 82 -33.53 -12.38 -3.86
CA PRO F 82 -33.83 -11.45 -2.77
C PRO F 82 -33.46 -11.98 -1.40
N GLU F 83 -33.45 -13.30 -1.22
CA GLU F 83 -33.00 -13.87 0.04
C GLU F 83 -31.53 -13.57 0.29
N TRP F 84 -30.71 -13.62 -0.78
CA TRP F 84 -29.29 -13.31 -0.63
C TRP F 84 -29.09 -11.81 -0.42
N GLN F 85 -29.75 -10.98 -1.23
CA GLN F 85 -29.66 -9.53 -1.09
C GLN F 85 -29.97 -9.10 0.34
N GLU F 86 -31.05 -9.63 0.91
CA GLU F 86 -31.44 -9.22 2.26
C GLU F 86 -30.48 -9.74 3.30
N TYR F 87 -30.01 -10.99 3.14
CA TYR F 87 -29.01 -11.53 4.04
C TYR F 87 -27.78 -10.64 4.09
N VAL F 88 -27.23 -10.30 2.93
CA VAL F 88 -26.04 -9.44 2.87
C VAL F 88 -26.32 -8.11 3.57
N ARG F 89 -27.44 -7.48 3.24
CA ARG F 89 -27.71 -6.14 3.72
C ARG F 89 -27.90 -6.12 5.24
N LYS F 90 -28.66 -7.10 5.76
CA LYS F 90 -29.00 -7.08 7.17
C LYS F 90 -27.85 -7.53 8.07
N ASN F 91 -27.05 -8.49 7.61
CA ASN F 91 -26.08 -9.15 8.49
C ASN F 91 -24.63 -8.87 8.14
N ILE F 92 -24.27 -8.84 6.85
CA ILE F 92 -22.87 -8.83 6.44
C ILE F 92 -22.38 -7.43 6.10
N GLN F 93 -23.17 -6.68 5.33
CA GLN F 93 -22.74 -5.36 4.89
CA GLN F 93 -22.74 -5.36 4.89
C GLN F 93 -22.29 -4.46 6.03
N PRO F 94 -22.93 -4.44 7.20
CA PRO F 94 -22.42 -3.58 8.28
C PRO F 94 -21.05 -3.97 8.81
N LEU F 95 -20.58 -5.18 8.51
CA LEU F 95 -19.28 -5.64 9.00
C LEU F 95 -18.15 -5.37 8.02
N LEU F 96 -18.48 -4.96 6.80
CA LEU F 96 -17.49 -4.84 5.74
C LEU F 96 -16.80 -3.49 5.80
N VAL F 97 -15.51 -3.50 5.49
CA VAL F 97 -14.73 -2.28 5.32
C VAL F 97 -14.16 -2.18 3.91
N ARG F 98 -13.65 -3.29 3.36
CA ARG F 98 -13.03 -3.31 2.06
C ARG F 98 -13.25 -4.67 1.45
N MET F 99 -13.35 -4.71 0.12
CA MET F 99 -13.51 -5.94 -0.62
C MET F 99 -12.59 -5.90 -1.83
N GLN F 100 -11.95 -7.04 -2.10
CA GLN F 100 -11.10 -7.23 -3.26
CA GLN F 100 -11.10 -7.23 -3.28
C GLN F 100 -11.30 -8.65 -3.78
N ASN F 101 -11.06 -8.86 -5.07
CA ASN F 101 -11.07 -10.21 -5.58
C ASN F 101 -10.00 -10.35 -6.65
N LYS F 102 -9.56 -11.60 -6.83
CA LYS F 102 -8.55 -11.98 -7.81
C LYS F 102 -9.07 -13.18 -8.58
N ILE F 103 -8.72 -13.26 -9.85
CA ILE F 103 -8.97 -14.46 -10.61
C ILE F 103 -7.66 -15.24 -10.69
N LEU F 104 -7.65 -16.43 -10.13
CA LEU F 104 -6.49 -17.31 -10.08
C LEU F 104 -6.67 -18.44 -11.08
N LEU F 105 -5.57 -18.82 -11.74
CA LEU F 105 -5.56 -19.96 -12.63
C LEU F 105 -4.71 -21.07 -12.04
N PRO F 106 -5.18 -22.32 -12.01
CA PRO F 106 -4.41 -23.37 -11.35
C PRO F 106 -3.25 -23.85 -12.22
N MET F 107 -2.09 -24.00 -11.59
CA MET F 107 -1.02 -24.71 -12.25
C MET F 107 -1.43 -26.17 -12.50
N SER F 108 -0.66 -26.83 -13.35
CA SER F 108 -1.05 -28.13 -13.86
C SER F 108 -1.19 -29.17 -12.75
N PHE F 109 -0.41 -29.04 -11.68
CA PHE F 109 -0.45 -30.02 -10.61
C PHE F 109 -1.46 -29.66 -9.53
N SER F 110 -2.07 -28.48 -9.58
CA SER F 110 -2.98 -28.06 -8.53
C SER F 110 -4.21 -28.96 -8.51
N PRO F 111 -4.79 -29.20 -7.33
CA PRO F 111 -5.93 -30.13 -7.24
C PRO F 111 -7.03 -29.77 -8.22
N PRO F 112 -7.81 -30.73 -8.68
CA PRO F 112 -8.98 -30.41 -9.50
C PRO F 112 -10.05 -29.74 -8.67
N LEU F 113 -11.03 -29.13 -9.37
CA LEU F 113 -12.18 -28.50 -8.74
C LEU F 113 -12.87 -29.43 -7.74
N PRO F 114 -13.41 -28.90 -6.65
CA PRO F 114 -14.28 -29.72 -5.80
C PRO F 114 -15.53 -30.11 -6.57
N PRO F 115 -16.17 -31.21 -6.20
CA PRO F 115 -17.47 -31.53 -6.81
C PRO F 115 -18.51 -30.49 -6.41
N LEU F 116 -19.59 -30.44 -7.20
CA LEU F 116 -20.68 -29.52 -6.90
C LEU F 116 -21.35 -29.86 -5.58
N TRP F 117 -21.66 -28.82 -4.81
CA TRP F 117 -22.43 -28.98 -3.57
C TRP F 117 -23.82 -29.52 -3.87
N GLN F 118 -24.19 -30.59 -3.17
CA GLN F 118 -25.46 -31.29 -3.39
C GLN F 118 -26.43 -31.00 -2.26
N PRO F 119 -27.73 -31.12 -2.50
CA PRO F 119 -28.68 -31.06 -1.38
C PRO F 119 -28.34 -32.06 -0.28
N GLU F 120 -27.86 -33.25 -0.67
CA GLU F 120 -27.43 -34.23 0.32
C GLU F 120 -26.33 -33.66 1.23
N ASP F 121 -25.42 -32.89 0.65
CA ASP F 121 -24.37 -32.27 1.46
C ASP F 121 -24.97 -31.30 2.47
N GLU F 122 -25.87 -30.42 2.00
CA GLU F 122 -26.54 -29.48 2.90
C GLU F 122 -27.26 -30.22 4.01
N HIS F 123 -27.96 -31.31 3.68
CA HIS F 123 -28.69 -32.06 4.69
C HIS F 123 -27.75 -32.67 5.73
N ALA F 124 -26.56 -33.10 5.31
CA ALA F 124 -25.61 -33.74 6.20
C ALA F 124 -24.82 -32.76 7.05
N ARG F 125 -25.19 -31.48 7.07
CA ARG F 125 -24.48 -30.51 7.91
C ARG F 125 -24.92 -30.67 9.37
N HIS G 8 -23.30 -6.09 -23.34
CA HIS G 8 -22.79 -6.42 -22.01
C HIS G 8 -21.27 -6.34 -21.97
N MET G 9 -20.72 -5.27 -22.55
CA MET G 9 -19.29 -5.14 -22.75
C MET G 9 -18.57 -5.08 -21.41
N ILE G 10 -17.28 -5.43 -21.44
CA ILE G 10 -16.41 -5.23 -20.30
C ILE G 10 -15.19 -4.45 -20.77
N VAL G 11 -14.50 -3.84 -19.82
CA VAL G 11 -13.28 -3.10 -20.09
C VAL G 11 -12.22 -3.56 -19.10
N GLU G 12 -11.08 -4.00 -19.63
CA GLU G 12 -9.93 -4.31 -18.80
C GLU G 12 -9.03 -3.08 -18.73
N GLU G 13 -8.67 -2.69 -17.53
CA GLU G 13 -7.66 -1.66 -17.33
C GLU G 13 -6.38 -2.34 -16.87
N ARG G 14 -5.31 -2.17 -17.64
CA ARG G 14 -4.01 -2.67 -17.27
C ARG G 14 -3.12 -1.50 -16.87
N ILE G 15 -2.37 -1.70 -15.81
CA ILE G 15 -1.59 -0.66 -15.17
C ILE G 15 -0.19 -1.22 -14.99
N TYR G 16 0.77 -0.71 -15.76
CA TYR G 16 2.15 -1.16 -15.66
C TYR G 16 2.99 -0.04 -15.06
N ASP G 17 3.71 -0.37 -13.98
CA ASP G 17 4.75 0.51 -13.46
C ASP G 17 6.08 0.13 -14.11
N LEU G 18 6.73 1.12 -14.70
CA LEU G 18 7.96 0.91 -15.47
C LEU G 18 9.19 1.37 -14.69
N ARG G 19 10.37 0.99 -15.20
CA ARG G 19 11.60 1.49 -14.61
C ARG G 19 11.65 3.00 -14.81
N PRO G 20 12.36 3.73 -13.95
CA PRO G 20 12.34 5.19 -14.05
C PRO G 20 12.69 5.67 -15.45
N ASN G 21 11.88 6.62 -15.95
CA ASN G 21 12.08 7.25 -17.26
C ASN G 21 11.96 6.26 -18.42
N GLY G 22 11.38 5.08 -18.19
CA GLY G 22 11.19 4.11 -19.26
C GLY G 22 9.94 4.25 -20.09
N ALA G 23 9.06 5.23 -19.81
CA ALA G 23 7.83 5.35 -20.59
C ALA G 23 8.13 5.82 -22.01
N ARG G 24 9.17 6.64 -22.17
CA ARG G 24 9.52 7.15 -23.50
C ARG G 24 9.83 6.00 -24.45
N GLU G 25 10.73 5.10 -24.05
CA GLU G 25 11.06 3.97 -24.92
C GLU G 25 9.87 3.04 -25.06
N PHE G 26 9.11 2.84 -23.97
CA PHE G 26 7.97 1.95 -24.02
C PHE G 26 7.01 2.36 -25.12
N ALA G 27 6.65 3.65 -25.15
CA ALA G 27 5.78 4.17 -26.19
C ALA G 27 6.41 4.07 -27.57
N GLN G 28 7.70 4.38 -27.68
CA GLN G 28 8.37 4.29 -28.97
C GLN G 28 8.25 2.89 -29.56
N HIS G 29 8.52 1.84 -28.75
CA HIS G 29 8.38 0.48 -29.26
C HIS G 29 6.96 0.20 -29.71
N PHE G 30 5.96 0.67 -28.95
CA PHE G 30 4.60 0.31 -29.33
C PHE G 30 4.14 1.03 -30.59
N GLU G 31 4.59 2.27 -30.80
CA GLU G 31 4.20 2.92 -32.03
CA GLU G 31 4.25 2.98 -32.04
C GLU G 31 4.94 2.34 -33.23
N ARG G 32 6.23 2.02 -33.08
CA ARG G 32 7.03 1.50 -34.19
C ARG G 32 6.62 0.09 -34.58
N GLU G 33 6.22 -0.73 -33.61
CA GLU G 33 6.16 -2.17 -33.86
C GLU G 33 5.08 -2.85 -33.03
N GLY G 34 4.94 -2.43 -31.76
CA GLY G 34 4.16 -3.22 -30.83
C GLY G 34 2.66 -3.16 -31.06
N ILE G 35 2.11 -1.96 -31.28
CA ILE G 35 0.68 -1.86 -31.33
C ILE G 35 0.14 -2.46 -32.63
N ALA G 36 0.95 -2.52 -33.69
CA ALA G 36 0.48 -3.18 -34.91
C ALA G 36 0.31 -4.68 -34.71
N ILE G 37 1.05 -5.27 -33.77
CA ILE G 37 0.84 -6.68 -33.44
C ILE G 37 -0.37 -6.84 -32.53
N GLN G 38 -0.42 -6.03 -31.49
CA GLN G 38 -1.35 -6.27 -30.38
C GLN G 38 -2.79 -5.88 -30.71
N ARG G 39 -3.01 -4.68 -31.27
CA ARG G 39 -4.38 -4.14 -31.40
C ARG G 39 -5.26 -4.95 -32.36
N PRO G 40 -4.77 -5.38 -33.53
CA PRO G 40 -5.63 -6.22 -34.38
C PRO G 40 -6.07 -7.52 -33.71
N VAL G 41 -5.33 -8.02 -32.72
CA VAL G 41 -5.70 -9.29 -32.09
C VAL G 41 -6.69 -9.06 -30.95
N LEU G 42 -6.38 -8.12 -30.04
CA LEU G 42 -7.30 -7.86 -28.93
C LEU G 42 -8.51 -7.06 -29.38
N GLY G 43 -8.33 -6.09 -30.27
CA GLY G 43 -9.49 -5.57 -30.96
C GLY G 43 -10.01 -4.18 -30.68
N ARG G 44 -10.12 -3.78 -29.40
CA ARG G 44 -10.79 -2.51 -29.08
C ARG G 44 -9.97 -1.74 -28.06
N LEU G 45 -9.00 -0.96 -28.55
CA LEU G 45 -8.21 -0.10 -27.66
C LEU G 45 -9.00 1.16 -27.35
N ILE G 46 -9.30 1.37 -26.08
CA ILE G 46 -10.04 2.55 -25.67
C ILE G 46 -9.09 3.71 -25.39
N GLY G 47 -7.94 3.41 -24.82
CA GLY G 47 -6.95 4.41 -24.47
C GLY G 47 -5.65 3.76 -24.10
N TYR G 48 -4.53 4.33 -24.54
CA TYR G 48 -3.21 3.94 -24.07
C TYR G 48 -2.48 5.21 -23.65
N PHE G 49 -2.11 5.29 -22.37
CA PHE G 49 -1.61 6.52 -21.77
C PHE G 49 -0.34 6.26 -20.98
N TYR G 50 0.37 7.33 -20.67
CA TYR G 50 1.39 7.33 -19.64
C TYR G 50 1.12 8.49 -18.68
N THR G 51 1.49 8.29 -17.41
CA THR G 51 1.14 9.26 -16.39
C THR G 51 2.05 10.47 -16.51
N ASP G 52 1.47 11.64 -16.27
CA ASP G 52 2.22 12.87 -16.07
C ASP G 52 2.13 13.39 -14.65
N ILE G 53 1.00 13.18 -13.99
CA ILE G 53 0.88 13.55 -12.58
C ILE G 53 0.22 12.41 -11.83
N GLY G 54 0.81 12.05 -10.71
CA GLY G 54 0.37 10.93 -9.90
C GLY G 54 1.51 9.95 -9.74
N PRO G 55 1.23 8.65 -9.94
CA PRO G 55 2.34 7.68 -9.98
C PRO G 55 3.07 7.79 -11.31
N LEU G 56 4.32 8.20 -11.26
CA LEU G 56 5.13 8.45 -12.44
C LEU G 56 5.76 7.15 -12.96
N ASN G 57 6.18 7.19 -14.23
CA ASN G 57 6.72 6.01 -14.91
C ASN G 57 5.67 4.90 -15.01
N GLN G 58 4.46 5.28 -15.37
CA GLN G 58 3.35 4.33 -15.40
C GLN G 58 2.64 4.45 -16.72
N VAL G 59 2.25 3.32 -17.27
CA VAL G 59 1.43 3.30 -18.47
C VAL G 59 0.11 2.63 -18.11
N VAL G 60 -0.97 3.13 -18.70
CA VAL G 60 -2.33 2.74 -18.37
C VAL G 60 -3.03 2.49 -19.69
N HIS G 61 -3.64 1.32 -19.84
CA HIS G 61 -4.29 1.02 -21.12
C HIS G 61 -5.59 0.28 -20.86
N LEU G 62 -6.60 0.63 -21.63
CA LEU G 62 -7.96 0.15 -21.42
C LEU G 62 -8.38 -0.57 -22.68
N TRP G 63 -8.82 -1.81 -22.53
CA TRP G 63 -9.16 -2.67 -23.66
C TRP G 63 -10.61 -3.11 -23.51
N GLY G 64 -11.40 -2.96 -24.57
CA GLY G 64 -12.80 -3.34 -24.53
C GLY G 64 -12.96 -4.76 -25.06
N TYR G 65 -13.83 -5.53 -24.40
CA TYR G 65 -14.20 -6.86 -24.85
C TYR G 65 -15.70 -7.06 -24.67
N GLU G 66 -16.25 -8.00 -25.44
CA GLU G 66 -17.66 -8.30 -25.30
C GLU G 66 -17.99 -8.99 -23.98
N ASP G 67 -17.09 -9.82 -23.47
CA ASP G 67 -17.25 -10.45 -22.16
C ASP G 67 -15.91 -11.07 -21.77
N LEU G 68 -15.85 -11.64 -20.57
CA LEU G 68 -14.58 -12.20 -20.09
C LEU G 68 -14.13 -13.42 -20.89
N GLU G 69 -15.05 -14.17 -21.46
CA GLU G 69 -14.64 -15.27 -22.33
C GLU G 69 -13.96 -14.74 -23.59
N ASP G 70 -14.57 -13.73 -24.22
CA ASP G 70 -13.96 -13.04 -25.36
C ASP G 70 -12.54 -12.60 -25.03
N ARG G 71 -12.36 -11.93 -23.88
CA ARG G 71 -11.04 -11.52 -23.45
C ARG G 71 -10.08 -12.69 -23.39
N ALA G 72 -10.50 -13.78 -22.73
CA ALA G 72 -9.60 -14.93 -22.55
C ALA G 72 -9.15 -15.49 -23.89
N ARG G 73 -10.08 -15.64 -24.83
CA ARG G 73 -9.73 -16.19 -26.14
C ARG G 73 -8.74 -15.29 -26.86
N ARG G 74 -9.02 -13.99 -26.89
CA ARG G 74 -8.19 -13.07 -27.66
C ARG G 74 -6.80 -12.91 -27.05
N ARG G 75 -6.72 -12.78 -25.71
CA ARG G 75 -5.42 -12.72 -25.07
C ARG G 75 -4.64 -14.02 -25.28
N ALA G 76 -5.33 -15.17 -25.28
CA ALA G 76 -4.65 -16.43 -25.53
C ALA G 76 -4.04 -16.46 -26.93
N ILE G 77 -4.78 -15.96 -27.93
CA ILE G 77 -4.25 -15.88 -29.29
C ILE G 77 -2.99 -15.02 -29.33
N LEU G 78 -3.05 -13.84 -28.70
CA LEU G 78 -1.88 -12.96 -28.66
C LEU G 78 -0.70 -13.63 -28.00
N LEU G 79 -0.92 -14.19 -26.80
CA LEU G 79 0.14 -14.77 -25.99
C LEU G 79 0.92 -15.84 -26.75
N ALA G 80 0.25 -16.58 -27.64
CA ALA G 80 0.87 -17.68 -28.34
C ALA G 80 1.60 -17.26 -29.60
N MET G 81 1.52 -16.00 -29.99
CA MET G 81 2.18 -15.56 -31.23
C MET G 81 3.67 -15.37 -30.98
N PRO G 82 4.55 -16.10 -31.69
CA PRO G 82 5.99 -15.86 -31.53
C PRO G 82 6.39 -14.42 -31.80
N GLU G 83 5.72 -13.78 -32.77
CA GLU G 83 6.01 -12.37 -33.06
C GLU G 83 5.78 -11.50 -31.83
N TRP G 84 4.70 -11.76 -31.08
CA TRP G 84 4.43 -10.99 -29.88
C TRP G 84 5.43 -11.32 -28.78
N GLN G 85 5.72 -12.61 -28.59
CA GLN G 85 6.68 -13.02 -27.58
C GLN G 85 8.04 -12.37 -27.80
N GLU G 86 8.58 -12.50 -29.02
CA GLU G 86 9.85 -11.86 -29.35
C GLU G 86 9.79 -10.36 -29.14
N TYR G 87 8.70 -9.73 -29.59
CA TYR G 87 8.55 -8.29 -29.39
C TYR G 87 8.68 -7.91 -27.93
N VAL G 88 7.99 -8.64 -27.05
CA VAL G 88 8.05 -8.34 -25.62
C VAL G 88 9.47 -8.56 -25.09
N ARG G 89 10.05 -9.73 -25.40
CA ARG G 89 11.38 -10.06 -24.92
C ARG G 89 12.40 -9.00 -25.29
N LYS G 90 12.43 -8.61 -26.57
CA LYS G 90 13.48 -7.73 -27.06
C LYS G 90 13.26 -6.28 -26.70
N ASN G 91 12.06 -5.89 -26.30
CA ASN G 91 11.81 -4.46 -26.22
C ASN G 91 11.17 -4.03 -24.91
N ILE G 92 10.19 -4.78 -24.40
CA ILE G 92 9.34 -4.30 -23.31
C ILE G 92 9.72 -4.91 -21.97
N GLN G 93 9.97 -6.22 -21.94
CA GLN G 93 10.37 -6.92 -20.72
C GLN G 93 11.34 -6.16 -19.82
N PRO G 94 12.48 -5.65 -20.29
CA PRO G 94 13.40 -4.93 -19.40
C PRO G 94 12.81 -3.66 -18.82
N LEU G 95 11.74 -3.13 -19.41
CA LEU G 95 11.12 -1.90 -18.94
C LEU G 95 10.14 -2.11 -17.79
N LEU G 96 9.67 -3.34 -17.58
CA LEU G 96 8.59 -3.61 -16.66
C LEU G 96 9.09 -3.75 -15.23
N VAL G 97 8.35 -3.19 -14.28
CA VAL G 97 8.60 -3.37 -12.86
C VAL G 97 7.43 -4.07 -12.16
N ARG G 98 6.22 -3.58 -12.37
CA ARG G 98 5.03 -4.11 -11.73
C ARG G 98 3.87 -4.05 -12.72
N MET G 99 3.00 -5.07 -12.66
CA MET G 99 1.82 -5.13 -13.51
C MET G 99 0.62 -5.47 -12.64
N GLN G 100 -0.51 -4.84 -12.96
CA GLN G 100 -1.78 -5.19 -12.33
C GLN G 100 -2.89 -4.89 -13.33
N ASN G 101 -4.04 -5.56 -13.15
CA ASN G 101 -5.20 -5.25 -13.96
C ASN G 101 -6.48 -5.34 -13.15
N LYS G 102 -7.54 -4.73 -13.70
CA LYS G 102 -8.88 -4.75 -13.13
C LYS G 102 -9.90 -4.89 -14.26
N ILE G 103 -11.06 -5.43 -13.94
CA ILE G 103 -12.16 -5.50 -14.89
C ILE G 103 -13.17 -4.43 -14.49
N LEU G 104 -13.48 -3.54 -15.44
CA LEU G 104 -14.39 -2.42 -15.30
C LEU G 104 -15.68 -2.68 -16.07
N LEU G 105 -16.83 -2.29 -15.48
CA LEU G 105 -18.11 -2.42 -16.16
C LEU G 105 -18.68 -1.03 -16.42
N PRO G 106 -19.09 -0.76 -17.66
CA PRO G 106 -19.56 0.59 -17.99
C PRO G 106 -20.90 0.87 -17.33
N MET G 107 -21.06 2.11 -16.88
CA MET G 107 -22.39 2.56 -16.49
C MET G 107 -23.25 2.77 -17.73
N SER G 108 -24.58 2.91 -17.51
CA SER G 108 -25.52 2.96 -18.61
C SER G 108 -25.23 4.11 -19.56
N PHE G 109 -24.69 5.21 -19.06
CA PHE G 109 -24.41 6.39 -19.88
C PHE G 109 -22.99 6.41 -20.44
N SER G 110 -22.16 5.44 -20.07
CA SER G 110 -20.80 5.41 -20.57
C SER G 110 -20.78 5.05 -22.06
N PRO G 111 -19.79 5.53 -22.80
CA PRO G 111 -19.78 5.32 -24.25
C PRO G 111 -19.81 3.85 -24.60
N PRO G 112 -20.39 3.50 -25.75
CA PRO G 112 -20.61 2.09 -26.09
C PRO G 112 -19.34 1.38 -26.53
N LEU G 113 -19.51 0.08 -26.73
CA LEU G 113 -18.45 -0.81 -27.20
C LEU G 113 -17.95 -0.34 -28.57
N PRO G 114 -16.66 -0.02 -28.72
CA PRO G 114 -16.14 0.44 -30.01
C PRO G 114 -16.09 -0.70 -31.02
N PRO G 115 -16.02 -0.38 -32.30
CA PRO G 115 -15.87 -1.43 -33.31
C PRO G 115 -14.50 -2.07 -33.20
N LEU G 116 -14.40 -3.30 -33.69
CA LEU G 116 -13.08 -3.94 -33.77
C LEU G 116 -12.16 -3.17 -34.73
N TRP G 117 -10.89 -3.07 -34.34
CA TRP G 117 -9.85 -2.54 -35.22
C TRP G 117 -9.75 -3.36 -36.50
N GLN G 118 -9.77 -2.68 -37.65
CA GLN G 118 -9.78 -3.32 -38.96
C GLN G 118 -8.44 -3.17 -39.67
N PRO G 119 -8.13 -4.07 -40.61
CA PRO G 119 -6.95 -3.86 -41.47
C PRO G 119 -6.87 -2.47 -42.07
N GLU G 120 -8.00 -1.94 -42.55
CA GLU G 120 -8.02 -0.59 -43.11
C GLU G 120 -7.56 0.45 -42.09
N ASP G 121 -7.87 0.23 -40.81
CA ASP G 121 -7.42 1.16 -39.78
C ASP G 121 -5.90 1.15 -39.66
N GLU G 122 -5.30 -0.03 -39.75
CA GLU G 122 -3.83 -0.15 -39.71
C GLU G 122 -3.20 0.57 -40.89
N HIS G 123 -3.60 0.19 -42.11
CA HIS G 123 -2.97 0.73 -43.31
C HIS G 123 -3.19 2.24 -43.44
N ALA G 124 -4.26 2.77 -42.85
CA ALA G 124 -4.48 4.21 -42.83
C ALA G 124 -3.48 4.87 -41.89
N HIS H 6 -1.73 14.71 -30.99
CA HIS H 6 -2.84 14.85 -30.04
C HIS H 6 -2.95 16.27 -29.50
N HIS H 7 -2.09 17.17 -30.00
CA HIS H 7 -2.05 18.58 -29.61
C HIS H 7 -2.28 18.82 -28.13
N HIS H 8 -1.41 18.26 -27.28
CA HIS H 8 -1.39 18.52 -25.85
C HIS H 8 -2.68 18.09 -25.14
N MET H 9 -3.50 17.24 -25.77
CA MET H 9 -4.66 16.68 -25.11
C MET H 9 -4.24 15.91 -23.86
N ILE H 10 -5.05 16.01 -22.82
CA ILE H 10 -4.79 15.28 -21.58
C ILE H 10 -6.05 14.54 -21.17
N VAL H 11 -5.87 13.53 -20.34
CA VAL H 11 -6.97 12.75 -19.79
C VAL H 11 -6.80 12.67 -18.28
N GLU H 12 -7.86 13.02 -17.55
CA GLU H 12 -7.89 12.89 -16.10
C GLU H 12 -8.60 11.59 -15.77
N GLU H 13 -7.93 10.71 -15.05
CA GLU H 13 -8.56 9.53 -14.50
C GLU H 13 -8.90 9.79 -13.05
N ARG H 14 -10.15 9.60 -12.68
CA ARG H 14 -10.59 9.75 -11.29
C ARG H 14 -11.03 8.41 -10.73
N ILE H 15 -10.58 8.10 -9.52
CA ILE H 15 -10.75 6.76 -8.94
C ILE H 15 -11.37 6.90 -7.55
N TYR H 16 -12.60 6.44 -7.38
CA TYR H 16 -13.26 6.64 -6.09
C TYR H 16 -13.54 5.31 -5.43
N ASP H 17 -12.99 5.13 -4.23
CA ASP H 17 -13.38 3.99 -3.40
C ASP H 17 -14.64 4.34 -2.62
N LEU H 18 -15.61 3.44 -2.64
CA LEU H 18 -16.94 3.66 -2.07
C LEU H 18 -17.15 2.73 -0.90
N ARG H 19 -18.24 3.01 -0.15
CA ARG H 19 -18.58 2.13 0.94
C ARG H 19 -19.05 0.80 0.36
N PRO H 20 -18.93 -0.30 1.11
CA PRO H 20 -19.17 -1.61 0.51
C PRO H 20 -20.56 -1.67 -0.10
N ASN H 21 -20.61 -2.18 -1.35
CA ASN H 21 -21.82 -2.32 -2.14
C ASN H 21 -22.44 -0.98 -2.49
N GLY H 22 -21.64 0.09 -2.41
CA GLY H 22 -22.14 1.40 -2.75
C GLY H 22 -22.18 1.75 -4.22
N ALA H 23 -21.54 0.95 -5.09
CA ALA H 23 -21.46 1.36 -6.48
C ALA H 23 -22.83 1.35 -7.15
N ARG H 24 -23.73 0.49 -6.70
CA ARG H 24 -25.02 0.40 -7.38
C ARG H 24 -25.82 1.68 -7.20
N GLU H 25 -25.90 2.18 -5.96
CA GLU H 25 -26.57 3.46 -5.73
C GLU H 25 -25.83 4.60 -6.39
N PHE H 26 -24.50 4.55 -6.40
CA PHE H 26 -23.70 5.57 -7.07
C PHE H 26 -24.11 5.70 -8.53
N ALA H 27 -24.13 4.57 -9.22
CA ALA H 27 -24.47 4.60 -10.65
C ALA H 27 -25.92 5.02 -10.84
N GLN H 28 -26.81 4.57 -9.96
CA GLN H 28 -28.21 4.99 -10.03
C GLN H 28 -28.34 6.50 -9.97
N HIS H 29 -27.63 7.14 -9.04
CA HIS H 29 -27.69 8.59 -8.95
C HIS H 29 -27.13 9.23 -10.22
N PHE H 30 -26.04 8.69 -10.74
CA PHE H 30 -25.43 9.36 -11.89
C PHE H 30 -26.27 9.18 -13.13
N GLU H 31 -26.84 8.00 -13.33
CA GLU H 31 -27.61 7.83 -14.55
C GLU H 31 -28.92 8.60 -14.50
N ARG H 32 -29.51 8.77 -13.31
CA ARG H 32 -30.79 9.44 -13.20
C ARG H 32 -30.66 10.96 -13.16
N GLU H 33 -29.53 11.46 -12.68
CA GLU H 33 -29.47 12.87 -12.31
C GLU H 33 -28.09 13.47 -12.55
N GLY H 34 -27.04 12.79 -12.06
CA GLY H 34 -25.74 13.41 -11.95
C GLY H 34 -25.07 13.67 -13.29
N ILE H 35 -25.11 12.69 -14.20
CA ILE H 35 -24.37 12.82 -15.46
C ILE H 35 -25.00 13.87 -16.38
N ALA H 36 -26.29 14.19 -16.20
CA ALA H 36 -26.89 15.30 -16.95
C ALA H 36 -26.35 16.64 -16.45
N ILE H 37 -25.95 16.70 -15.20
CA ILE H 37 -25.32 17.92 -14.68
C ILE H 37 -23.89 18.03 -15.17
N GLN H 38 -23.12 16.95 -15.00
CA GLN H 38 -21.67 16.97 -15.10
C GLN H 38 -21.17 16.92 -16.55
N ARG H 39 -21.70 15.99 -17.35
CA ARG H 39 -21.14 15.76 -18.69
CA ARG H 39 -21.12 15.77 -18.67
C ARG H 39 -21.19 16.99 -19.59
N PRO H 40 -22.32 17.73 -19.68
CA PRO H 40 -22.31 18.92 -20.55
C PRO H 40 -21.23 19.92 -20.17
N VAL H 41 -20.93 20.03 -18.88
CA VAL H 41 -19.95 21.00 -18.39
C VAL H 41 -18.52 20.51 -18.65
N LEU H 42 -18.20 19.29 -18.22
CA LEU H 42 -16.83 18.81 -18.38
C LEU H 42 -16.52 18.48 -19.83
N GLY H 43 -17.46 17.84 -20.55
CA GLY H 43 -17.38 17.84 -22.00
C GLY H 43 -17.13 16.53 -22.72
N ARG H 44 -16.06 15.81 -22.34
CA ARG H 44 -15.55 14.67 -23.11
C ARG H 44 -15.38 13.46 -22.20
N LEU H 45 -16.46 12.71 -22.00
CA LEU H 45 -16.41 11.50 -21.18
C LEU H 45 -15.80 10.37 -22.01
N ILE H 46 -14.66 9.85 -21.57
CA ILE H 46 -14.10 8.69 -22.26
C ILE H 46 -14.69 7.40 -21.71
N GLY H 47 -14.99 7.35 -20.41
CA GLY H 47 -15.58 6.17 -19.83
C GLY H 47 -15.91 6.36 -18.37
N TYR H 48 -17.02 5.78 -17.92
CA TYR H 48 -17.43 5.83 -16.52
C TYR H 48 -17.81 4.42 -16.10
N PHE H 49 -17.05 3.86 -15.16
CA PHE H 49 -17.11 2.45 -14.84
C PHE H 49 -17.21 2.23 -13.35
N TYR H 50 -17.64 1.03 -13.00
CA TYR H 50 -17.42 0.48 -11.66
C TYR H 50 -16.69 -0.85 -11.81
N THR H 51 -15.99 -1.25 -10.74
CA THR H 51 -15.14 -2.42 -10.82
C THR H 51 -15.93 -3.71 -10.59
N ASP H 52 -15.58 -4.72 -11.36
CA ASP H 52 -16.12 -6.07 -11.26
CA ASP H 52 -16.12 -6.06 -11.22
C ASP H 52 -15.09 -7.04 -10.68
N ILE H 53 -13.83 -6.92 -11.08
CA ILE H 53 -12.74 -7.74 -10.54
C ILE H 53 -11.55 -6.84 -10.23
N GLY H 54 -10.99 -7.00 -9.03
CA GLY H 54 -9.90 -6.19 -8.55
C GLY H 54 -10.30 -5.52 -7.26
N PRO H 55 -10.04 -4.22 -7.14
CA PRO H 55 -10.51 -3.48 -5.96
C PRO H 55 -12.00 -3.20 -6.10
N LEU H 56 -12.78 -3.81 -5.23
CA LEU H 56 -14.23 -3.76 -5.40
C LEU H 56 -14.80 -2.50 -4.76
N ASN H 57 -16.05 -2.21 -5.09
CA ASN H 57 -16.71 -0.98 -4.64
C ASN H 57 -15.90 0.24 -5.06
N GLN H 58 -15.57 0.29 -6.35
CA GLN H 58 -14.74 1.38 -6.88
C GLN H 58 -15.39 1.89 -8.15
N VAL H 59 -15.33 3.20 -8.35
CA VAL H 59 -15.75 3.78 -9.61
C VAL H 59 -14.55 4.43 -10.27
N VAL H 60 -14.47 4.27 -11.57
CA VAL H 60 -13.32 4.76 -12.34
C VAL H 60 -13.89 5.57 -13.48
N HIS H 61 -13.49 6.82 -13.59
CA HIS H 61 -13.96 7.61 -14.72
C HIS H 61 -12.84 8.43 -15.34
N LEU H 62 -12.89 8.53 -16.67
CA LEU H 62 -11.84 9.17 -17.42
C LEU H 62 -12.43 10.31 -18.24
N TRP H 63 -11.86 11.51 -18.11
CA TRP H 63 -12.35 12.68 -18.81
C TRP H 63 -11.25 13.32 -19.66
N GLY H 64 -11.58 13.70 -20.89
CA GLY H 64 -10.62 14.31 -21.79
C GLY H 64 -10.72 15.82 -21.85
N TYR H 65 -9.56 16.48 -21.84
CA TYR H 65 -9.44 17.93 -21.90
C TYR H 65 -8.41 18.34 -22.95
N GLU H 66 -8.58 19.54 -23.51
CA GLU H 66 -7.59 19.99 -24.48
C GLU H 66 -6.23 20.22 -23.84
N ASP H 67 -6.18 20.66 -22.59
CA ASP H 67 -4.95 20.83 -21.81
C ASP H 67 -5.36 21.03 -20.36
N LEU H 68 -4.41 21.41 -19.50
CA LEU H 68 -4.72 21.57 -18.09
C LEU H 68 -5.58 22.80 -17.83
N GLU H 69 -5.32 23.90 -18.55
CA GLU H 69 -6.14 25.10 -18.44
C GLU H 69 -7.60 24.78 -18.73
N ASP H 70 -7.86 24.04 -19.79
CA ASP H 70 -9.21 23.62 -20.14
C ASP H 70 -9.85 22.88 -18.97
N ARG H 71 -9.15 21.88 -18.43
CA ARG H 71 -9.63 21.16 -17.26
C ARG H 71 -9.94 22.13 -16.12
N ALA H 72 -9.03 23.05 -15.84
CA ALA H 72 -9.19 23.95 -14.71
C ALA H 72 -10.42 24.82 -14.89
N ARG H 73 -10.58 25.43 -16.07
CA ARG H 73 -11.75 26.28 -16.30
C ARG H 73 -13.05 25.48 -16.19
N ARG H 74 -13.06 24.25 -16.71
CA ARG H 74 -14.30 23.50 -16.73
C ARG H 74 -14.65 22.98 -15.34
N ARG H 75 -13.66 22.47 -14.60
CA ARG H 75 -13.94 21.97 -13.27
C ARG H 75 -14.35 23.09 -12.32
N ALA H 76 -13.84 24.31 -12.52
CA ALA H 76 -14.27 25.44 -11.71
C ALA H 76 -15.72 25.80 -12.00
N ILE H 77 -16.13 25.74 -13.26
CA ILE H 77 -17.53 26.03 -13.59
C ILE H 77 -18.44 25.00 -12.94
N LEU H 78 -18.08 23.72 -13.05
CA LEU H 78 -18.85 22.67 -12.38
C LEU H 78 -18.90 22.88 -10.88
N LEU H 79 -17.75 23.19 -10.27
CA LEU H 79 -17.65 23.32 -8.81
C LEU H 79 -18.50 24.47 -8.29
N ALA H 80 -18.66 25.51 -9.10
CA ALA H 80 -19.45 26.68 -8.72
C ALA H 80 -20.94 26.51 -8.94
N MET H 81 -21.39 25.38 -9.47
CA MET H 81 -22.83 25.21 -9.75
C MET H 81 -23.54 24.78 -8.47
N PRO H 82 -24.47 25.57 -7.94
CA PRO H 82 -25.24 25.09 -6.79
C PRO H 82 -25.94 23.77 -7.01
N GLU H 83 -26.43 23.51 -8.24
CA GLU H 83 -27.12 22.25 -8.51
C GLU H 83 -26.17 21.07 -8.35
N TRP H 84 -24.93 21.22 -8.83
CA TRP H 84 -23.93 20.19 -8.65
C TRP H 84 -23.58 20.02 -7.18
N GLN H 85 -23.36 21.13 -6.48
CA GLN H 85 -22.98 21.05 -5.07
C GLN H 85 -24.04 20.30 -4.26
N GLU H 86 -25.31 20.65 -4.47
CA GLU H 86 -26.38 19.95 -3.74
C GLU H 86 -26.49 18.49 -4.14
N TYR H 87 -26.33 18.20 -5.43
CA TYR H 87 -26.44 16.83 -5.89
C TYR H 87 -25.40 15.95 -5.22
N VAL H 88 -24.16 16.43 -5.17
CA VAL H 88 -23.09 15.68 -4.52
C VAL H 88 -23.38 15.52 -3.04
N ARG H 89 -23.73 16.63 -2.38
CA ARG H 89 -23.93 16.60 -0.94
C ARG H 89 -24.98 15.57 -0.55
N LYS H 90 -26.12 15.58 -1.26
CA LYS H 90 -27.24 14.74 -0.85
C LYS H 90 -27.03 13.28 -1.23
N ASN H 91 -26.47 13.02 -2.40
CA ASN H 91 -26.50 11.68 -2.99
C ASN H 91 -25.17 10.95 -3.00
N ILE H 92 -24.06 11.62 -3.31
CA ILE H 92 -22.79 10.96 -3.54
C ILE H 92 -21.88 11.01 -2.31
N GLN H 93 -21.86 12.15 -1.61
CA GLN H 93 -21.02 12.31 -0.42
C GLN H 93 -21.13 11.15 0.56
N PRO H 94 -22.33 10.69 0.95
CA PRO H 94 -22.43 9.55 1.88
C PRO H 94 -21.78 8.27 1.38
N LEU H 95 -21.61 8.09 0.07
CA LEU H 95 -21.05 6.85 -0.47
C LEU H 95 -19.54 6.86 -0.55
N LEU H 96 -18.91 8.03 -0.46
CA LEU H 96 -17.47 8.16 -0.71
C LEU H 96 -16.66 7.66 0.46
N VAL H 97 -15.53 7.01 0.17
CA VAL H 97 -14.53 6.63 1.16
C VAL H 97 -13.17 7.22 0.84
N ARG H 98 -12.68 7.01 -0.38
CA ARG H 98 -11.38 7.54 -0.79
C ARG H 98 -11.51 8.05 -2.22
N MET H 99 -10.73 9.08 -2.53
CA MET H 99 -10.69 9.66 -3.86
C MET H 99 -9.24 9.93 -4.25
N GLN H 100 -8.91 9.59 -5.50
CA GLN H 100 -7.61 9.84 -6.10
CA GLN H 100 -7.60 9.83 -6.10
C GLN H 100 -7.80 10.22 -7.55
N ASN H 101 -6.85 10.98 -8.10
CA ASN H 101 -6.87 11.22 -9.54
C ASN H 101 -5.45 11.21 -10.08
N LYS H 102 -5.36 11.09 -11.40
N LYS H 102 -5.34 11.16 -11.41
CA LYS H 102 -4.11 11.11 -12.15
CA LYS H 102 -4.05 11.21 -12.06
C LYS H 102 -4.32 11.93 -13.41
C LYS H 102 -4.25 11.79 -13.46
N ILE H 103 -3.24 12.49 -13.95
CA ILE H 103 -3.26 13.08 -15.29
C ILE H 103 -2.51 12.13 -16.22
N LEU H 104 -3.21 11.68 -17.26
CA LEU H 104 -2.71 10.73 -18.25
C LEU H 104 -2.51 11.44 -19.59
N LEU H 105 -1.40 11.12 -20.27
CA LEU H 105 -1.13 11.68 -21.58
C LEU H 105 -1.24 10.58 -22.62
N PRO H 106 -1.94 10.80 -23.72
CA PRO H 106 -2.17 9.71 -24.68
C PRO H 106 -0.94 9.43 -25.54
N MET H 107 -0.68 8.16 -25.78
CA MET H 107 0.35 7.82 -26.76
C MET H 107 -0.17 8.09 -28.17
N SER H 108 0.75 8.14 -29.14
CA SER H 108 0.41 8.64 -30.47
C SER H 108 -0.67 7.79 -31.16
N PHE H 109 -0.72 6.50 -30.87
CA PHE H 109 -1.70 5.61 -31.48
C PHE H 109 -2.98 5.51 -30.67
N SER H 110 -3.05 6.19 -29.54
CA SER H 110 -4.26 6.16 -28.73
C SER H 110 -5.37 6.92 -29.46
N PRO H 111 -6.64 6.57 -29.23
CA PRO H 111 -7.75 7.24 -29.93
C PRO H 111 -7.75 8.74 -29.68
N PRO H 112 -8.32 9.51 -30.59
CA PRO H 112 -8.49 10.95 -30.32
C PRO H 112 -9.51 11.21 -29.22
N LEU H 113 -9.52 12.46 -28.75
CA LEU H 113 -10.51 12.92 -27.80
C LEU H 113 -11.92 12.65 -28.30
N PRO H 114 -12.86 12.31 -27.41
CA PRO H 114 -14.26 12.33 -27.80
C PRO H 114 -14.69 13.74 -28.15
N PRO H 115 -15.69 13.89 -29.01
CA PRO H 115 -16.24 15.22 -29.25
C PRO H 115 -16.92 15.75 -28.00
N LEU H 116 -17.20 17.05 -28.01
CA LEU H 116 -17.85 17.66 -26.85
C LEU H 116 -19.31 17.22 -26.80
N TRP H 117 -19.77 16.87 -25.60
CA TRP H 117 -21.16 16.53 -25.39
C TRP H 117 -22.03 17.72 -25.74
N GLN H 118 -22.99 17.50 -26.64
CA GLN H 118 -23.89 18.55 -27.09
C GLN H 118 -25.28 18.33 -26.50
N PRO H 119 -26.08 19.40 -26.34
CA PRO H 119 -27.42 19.22 -25.77
C PRO H 119 -28.28 18.25 -26.56
N GLU H 120 -28.01 18.07 -27.85
CA GLU H 120 -28.74 17.06 -28.60
C GLU H 120 -28.40 15.65 -28.13
N ASP H 121 -27.15 15.44 -27.66
CA ASP H 121 -26.80 14.15 -27.07
C ASP H 121 -27.62 13.86 -25.82
N GLU H 122 -27.83 14.88 -24.99
CA GLU H 122 -28.62 14.69 -23.78
C GLU H 122 -30.06 14.36 -24.11
N HIS H 123 -30.64 15.06 -25.10
CA HIS H 123 -32.00 14.75 -25.53
C HIS H 123 -32.10 13.35 -26.11
N ALA H 124 -31.00 12.83 -26.68
CA ALA H 124 -31.02 11.52 -27.33
C ALA H 124 -31.02 10.37 -26.34
N ARG H 125 -30.54 10.56 -25.11
CA ARG H 125 -30.55 9.51 -24.09
C ARG H 125 -31.95 8.95 -23.87
#